data_9DQN
#
_entry.id   9DQN
#
_cell.length_a   57.893
_cell.length_b   159.393
_cell.length_c   171.751
_cell.angle_alpha   90.000
_cell.angle_beta   90.000
_cell.angle_gamma   90.000
#
_symmetry.space_group_name_H-M   'P 2 21 21'
#
loop_
_entity.id
_entity.type
_entity.pdbx_description
1 polymer 'Phosphosugar-binding transcriptional regulator'
2 polymer "DNA (5'-D(P*TP*CP*TP*GP*AP*AP*AP*GP*TP*AP*CP*TP*TP*TP*TP*AP*GP*A)-3')"
3 polymer "DNA (5'-D(P*TP*CP*TP*GP*AP*AP*AP*GP*TP*AP*CP*TP*TP*TP*TP*AP*GP*A)-3')"
4 non-polymer GLYCEROL
5 non-polymer 'MAGNESIUM ION'
6 water water
#
loop_
_entity_poly.entity_id
_entity_poly.type
_entity_poly.pdbx_seq_one_letter_code
_entity_poly.pdbx_strand_id
1 'polypeptide(L)'
;MDKPDIATVIDSHFEEMTDLEQEIARYFLQAETIQDDLSSQQVTQKLHISQAALTRFAKKCGFTGYREFIFQYQHEAENQ
ANQVSKHSPLTKRVLRSYSNMREQTQDLIDEVQLERIAQLIEDAERVYFFGTGSSGLVAREMKLRFMRLGVVCEALTDQD
GFAWTTSIMDENCLVLGFSLSGSTPSILDSLLDAKEMGAKTVLFSSVPNKDSQAYTETVLVATHSQPSYIQRISAQLPML
FFIDLIYAYFLEINRESKEKIFNSYWENKKLNGYRRQKRVRKS
;
A,C,D,B
2 'polydeoxyribonucleotide' (DT)(DC)(DT)(DG)(DA)(DA)(DA)(DG)(DT)(DA)(DC)(DT)(DT)(DT)(DT)(DA)(DG)(DA) H,J
3 'polydeoxyribonucleotide' (DT)(DC)(DT)(DA)(DA)(DA)(DA)(DG)(DT)(DA)(DC)(DT)(DT)(DT)(DC)(DA)(DG)(DA) I,K
#
loop_
_chem_comp.id
_chem_comp.type
_chem_comp.name
_chem_comp.formula
DA DNA linking 2'-DEOXYADENOSINE-5'-MONOPHOSPHATE 'C10 H14 N5 O6 P'
DC DNA linking 2'-DEOXYCYTIDINE-5'-MONOPHOSPHATE 'C9 H14 N3 O7 P'
DG DNA linking 2'-DEOXYGUANOSINE-5'-MONOPHOSPHATE 'C10 H14 N5 O7 P'
DT DNA linking THYMIDINE-5'-MONOPHOSPHATE 'C10 H15 N2 O8 P'
GOL non-polymer GLYCEROL 'C3 H8 O3'
MG non-polymer 'MAGNESIUM ION' 'Mg 2'
#
# COMPACT_ATOMS: atom_id res chain seq x y z
N PRO A 4 7.49 10.84 -43.23
CA PRO A 4 6.25 10.75 -44.01
C PRO A 4 6.31 9.65 -45.07
N ASP A 5 5.29 8.80 -45.09
CA ASP A 5 5.21 7.76 -46.10
C ASP A 5 5.01 8.38 -47.49
N ILE A 6 5.15 7.55 -48.53
CA ILE A 6 4.99 8.03 -49.89
C ILE A 6 3.55 8.50 -50.15
N ALA A 7 2.60 8.09 -49.32
CA ALA A 7 1.21 8.49 -49.51
C ALA A 7 1.01 9.98 -49.24
N THR A 8 1.49 10.48 -48.09
CA THR A 8 1.24 11.89 -47.78
C THR A 8 2.13 12.84 -48.57
N VAL A 9 3.33 12.42 -48.95
CA VAL A 9 4.20 13.32 -49.70
C VAL A 9 3.55 13.66 -51.03
N ILE A 10 2.89 12.69 -51.65
CA ILE A 10 2.04 12.98 -52.81
C ILE A 10 0.78 13.73 -52.38
N ASP A 11 0.21 13.37 -51.23
CA ASP A 11 -0.94 14.10 -50.72
C ASP A 11 -0.57 15.54 -50.36
N SER A 12 0.52 15.73 -49.62
CA SER A 12 0.96 17.09 -49.33
C SER A 12 1.42 17.80 -50.60
N HIS A 13 2.12 17.10 -51.48
CA HIS A 13 2.50 17.66 -52.79
C HIS A 13 1.47 17.25 -53.84
N PHE A 14 0.33 17.97 -53.85
CA PHE A 14 -0.66 17.71 -54.89
C PHE A 14 -1.18 18.97 -55.56
N GLU A 15 -1.60 19.97 -54.77
CA GLU A 15 -2.39 21.07 -55.32
C GLU A 15 -1.58 21.99 -56.21
N GLU A 16 -0.27 21.95 -56.07
CA GLU A 16 0.67 22.74 -56.84
C GLU A 16 1.21 21.99 -58.05
N MET A 17 0.68 20.79 -58.31
CA MET A 17 1.05 19.99 -59.47
C MET A 17 0.19 20.37 -60.68
N THR A 18 0.77 20.21 -61.86
CA THR A 18 0.03 20.46 -63.08
C THR A 18 -0.99 19.36 -63.32
N ASP A 19 -1.93 19.62 -64.25
CA ASP A 19 -3.03 18.69 -64.47
C ASP A 19 -2.52 17.32 -64.91
N LEU A 20 -1.53 17.28 -65.81
CA LEU A 20 -1.03 16.00 -66.30
C LEU A 20 -0.42 15.17 -65.17
N GLU A 21 0.37 15.81 -64.31
CA GLU A 21 1.03 15.09 -63.23
C GLU A 21 0.04 14.63 -62.17
N GLN A 22 -1.05 15.37 -61.96
CA GLN A 22 -2.03 14.96 -60.96
C GLN A 22 -2.63 13.59 -61.31
N GLU A 23 -2.78 13.30 -62.61
CA GLU A 23 -3.15 11.95 -63.02
C GLU A 23 -2.04 10.95 -62.69
N ILE A 24 -0.78 11.36 -62.87
CA ILE A 24 0.34 10.53 -62.49
C ILE A 24 0.34 10.28 -60.98
N ALA A 25 -0.05 11.29 -60.20
CA ALA A 25 -0.13 11.13 -58.76
C ALA A 25 -1.12 10.03 -58.37
N ARG A 26 -2.34 10.08 -58.91
CA ARG A 26 -3.32 9.06 -58.55
C ARG A 26 -2.93 7.69 -59.06
N TYR A 27 -2.22 7.61 -60.19
CA TYR A 27 -1.74 6.32 -60.67
C TYR A 27 -0.86 5.64 -59.63
N PHE A 28 0.11 6.38 -59.08
CA PHE A 28 0.99 5.82 -58.06
C PHE A 28 0.33 5.73 -56.70
N LEU A 29 -0.72 6.51 -56.45
CA LEU A 29 -1.44 6.43 -55.18
C LEU A 29 -2.36 5.21 -55.08
N GLN A 30 -2.78 4.65 -56.21
CA GLN A 30 -3.62 3.46 -56.17
C GLN A 30 -2.80 2.27 -55.67
N ALA A 31 -3.45 1.41 -54.88
CA ALA A 31 -2.74 0.36 -54.16
C ALA A 31 -2.15 -0.68 -55.11
N GLU A 32 -2.89 -1.05 -56.15
CA GLU A 32 -2.48 -2.17 -56.99
C GLU A 32 -1.31 -1.84 -57.91
N THR A 33 -1.02 -0.55 -58.11
CA THR A 33 0.01 -0.15 -59.09
C THR A 33 1.40 -0.63 -58.69
N ILE A 34 1.60 -1.09 -57.46
CA ILE A 34 2.90 -1.57 -57.01
C ILE A 34 3.38 -2.74 -57.87
N GLN A 35 2.45 -3.57 -58.35
CA GLN A 35 2.82 -4.78 -59.08
C GLN A 35 3.16 -4.54 -60.54
N ASP A 36 2.84 -3.38 -61.10
CA ASP A 36 3.14 -3.13 -62.50
C ASP A 36 4.63 -2.92 -62.73
N ASP A 37 5.05 -3.09 -63.99
CA ASP A 37 6.39 -2.71 -64.40
C ASP A 37 6.55 -1.21 -64.24
N LEU A 38 7.31 -0.78 -63.23
CA LEU A 38 7.46 0.63 -62.91
C LEU A 38 8.61 1.30 -63.65
N SER A 39 9.13 0.67 -64.70
CA SER A 39 10.11 1.33 -65.54
C SER A 39 9.48 2.53 -66.24
N SER A 40 10.34 3.47 -66.64
CA SER A 40 9.83 4.69 -67.26
C SER A 40 9.04 4.38 -68.53
N GLN A 41 9.56 3.49 -69.38
CA GLN A 41 8.88 3.21 -70.65
C GLN A 41 7.52 2.57 -70.43
N GLN A 42 7.43 1.58 -69.53
CA GLN A 42 6.15 0.91 -69.30
C GLN A 42 5.12 1.87 -68.73
N VAL A 43 5.53 2.70 -67.76
CA VAL A 43 4.62 3.71 -67.22
C VAL A 43 4.30 4.76 -68.28
N THR A 44 5.28 5.10 -69.13
CA THR A 44 5.02 6.02 -70.23
C THR A 44 3.97 5.48 -71.19
N GLN A 45 4.08 4.19 -71.55
CA GLN A 45 3.11 3.58 -72.44
C GLN A 45 1.73 3.52 -71.80
N LYS A 46 1.66 3.19 -70.51
CA LYS A 46 0.37 3.05 -69.84
C LYS A 46 -0.35 4.40 -69.72
N LEU A 47 0.36 5.44 -69.31
CA LEU A 47 -0.27 6.73 -69.06
C LEU A 47 -0.27 7.64 -70.28
N HIS A 48 0.39 7.25 -71.36
CA HIS A 48 0.51 8.08 -72.57
C HIS A 48 1.04 9.47 -72.22
N ILE A 49 2.24 9.48 -71.65
CA ILE A 49 2.93 10.70 -71.28
C ILE A 49 4.31 10.69 -71.92
N SER A 50 5.15 11.66 -71.58
CA SER A 50 6.54 11.67 -71.98
C SER A 50 7.41 11.23 -70.81
N GLN A 51 8.57 10.65 -71.13
CA GLN A 51 9.48 10.23 -70.06
C GLN A 51 9.94 11.42 -69.23
N ALA A 52 10.00 12.62 -69.84
CA ALA A 52 10.33 13.82 -69.08
C ALA A 52 9.24 14.16 -68.08
N ALA A 53 7.98 13.81 -68.38
CA ALA A 53 6.89 14.10 -67.46
C ALA A 53 7.07 13.36 -66.14
N LEU A 54 7.53 12.10 -66.21
CA LEU A 54 7.79 11.35 -64.99
C LEU A 54 8.88 12.01 -64.15
N THR A 55 9.95 12.47 -64.81
CA THR A 55 11.01 13.16 -64.10
C THR A 55 10.50 14.46 -63.48
N ARG A 56 9.69 15.21 -64.22
CA ARG A 56 9.14 16.45 -63.69
C ARG A 56 8.17 16.19 -62.54
N PHE A 57 7.39 15.11 -62.63
CA PHE A 57 6.51 14.73 -61.52
C PHE A 57 7.32 14.36 -60.29
N ALA A 58 8.37 13.56 -60.46
CA ALA A 58 9.15 13.10 -59.32
C ALA A 58 9.88 14.27 -58.65
N LYS A 59 10.40 15.20 -59.45
CA LYS A 59 11.00 16.41 -58.87
C LYS A 59 9.96 17.24 -58.13
N LYS A 60 8.71 17.24 -58.61
CA LYS A 60 7.63 17.94 -57.92
C LYS A 60 7.37 17.35 -56.53
N CYS A 61 7.69 16.08 -56.33
CA CYS A 61 7.56 15.45 -55.01
C CYS A 61 8.79 15.68 -54.13
N GLY A 62 9.80 16.38 -54.63
CA GLY A 62 11.00 16.62 -53.85
C GLY A 62 12.11 15.63 -54.05
N PHE A 63 12.22 15.03 -55.23
CA PHE A 63 13.23 14.04 -55.53
C PHE A 63 14.12 14.53 -56.66
N THR A 64 15.30 13.90 -56.79
CA THR A 64 16.19 14.24 -57.89
C THR A 64 15.59 13.84 -59.23
N GLY A 65 14.81 12.78 -59.27
CA GLY A 65 14.22 12.33 -60.51
C GLY A 65 13.38 11.10 -60.31
N TYR A 66 12.91 10.55 -61.44
CA TYR A 66 12.03 9.38 -61.41
C TYR A 66 12.72 8.17 -60.81
N ARG A 67 14.05 8.06 -60.98
CA ARG A 67 14.76 6.91 -60.42
C ARG A 67 14.69 6.88 -58.91
N GLU A 68 14.89 8.03 -58.25
CA GLU A 68 14.80 8.06 -56.80
C GLU A 68 13.37 7.83 -56.31
N PHE A 69 12.38 8.30 -57.07
CA PHE A 69 10.99 8.12 -56.65
C PHE A 69 10.60 6.65 -56.61
N ILE A 70 10.90 5.91 -57.68
CA ILE A 70 10.54 4.49 -57.74
C ILE A 70 11.27 3.72 -56.65
N PHE A 71 12.55 4.01 -56.45
CA PHE A 71 13.31 3.32 -55.41
C PHE A 71 12.76 3.64 -54.03
N GLN A 72 12.40 4.90 -53.78
CA GLN A 72 11.69 5.24 -52.55
C GLN A 72 10.33 4.56 -52.51
N TYR A 73 9.64 4.50 -53.66
CA TYR A 73 8.33 3.85 -53.72
C TYR A 73 8.44 2.35 -53.48
N GLN A 74 9.38 1.68 -54.17
CA GLN A 74 9.49 0.23 -54.07
C GLN A 74 10.13 -0.21 -52.76
N HIS A 75 11.07 0.58 -52.21
CA HIS A 75 11.69 0.22 -50.94
C HIS A 75 10.67 0.19 -49.82
N GLU A 76 9.75 1.16 -49.80
CA GLU A 76 8.73 1.20 -48.76
C GLU A 76 7.84 -0.04 -48.83
N ALA A 77 7.52 -0.50 -50.04
CA ALA A 77 6.82 -1.77 -50.19
C ALA A 77 7.67 -2.93 -49.73
N GLU A 78 8.98 -2.88 -50.01
CA GLU A 78 9.89 -3.88 -49.47
C GLU A 78 9.90 -3.81 -47.94
N ASN A 79 9.84 -2.61 -47.37
CA ASN A 79 9.64 -2.46 -45.94
C ASN A 79 8.25 -2.97 -45.53
N GLN A 80 7.27 -2.86 -46.43
CA GLN A 80 5.90 -3.23 -46.11
C GLN A 80 5.67 -4.75 -46.10
N ALA A 81 6.49 -5.53 -46.81
CA ALA A 81 6.23 -6.95 -46.99
C ALA A 81 7.48 -7.80 -46.79
N ASN A 82 8.36 -7.40 -45.87
CA ASN A 82 9.52 -8.21 -45.53
C ASN A 82 9.25 -9.16 -44.38
N GLN A 83 8.02 -9.21 -43.88
CA GLN A 83 7.61 -10.18 -42.87
C GLN A 83 7.39 -11.55 -43.52
N VAL A 84 7.14 -12.55 -42.68
CA VAL A 84 6.80 -13.90 -43.13
C VAL A 84 5.54 -13.85 -43.99
N SER A 85 5.69 -14.11 -45.28
CA SER A 85 4.56 -14.07 -46.21
C SER A 85 3.79 -15.40 -46.18
N LYS A 86 3.40 -15.83 -44.99
CA LYS A 86 2.58 -17.02 -44.83
C LYS A 86 1.35 -16.72 -43.98
N HIS A 87 1.49 -15.83 -43.01
CA HIS A 87 0.43 -15.54 -42.06
C HIS A 87 -0.78 -14.93 -42.75
N SER A 88 -1.87 -14.84 -41.99
CA SER A 88 -3.11 -14.25 -42.45
C SER A 88 -3.02 -12.73 -42.47
N PRO A 89 -3.93 -12.06 -43.16
CA PRO A 89 -3.98 -10.58 -43.07
C PRO A 89 -4.19 -10.09 -41.66
N LEU A 90 -4.91 -10.84 -40.82
CA LEU A 90 -5.12 -10.45 -39.42
C LEU A 90 -3.80 -10.45 -38.65
N THR A 91 -3.04 -11.56 -38.75
CA THR A 91 -1.76 -11.63 -38.07
C THR A 91 -0.80 -10.58 -38.62
N LYS A 92 -0.85 -10.35 -39.92
CA LYS A 92 0.04 -9.38 -40.57
C LYS A 92 -0.24 -7.97 -40.06
N ARG A 93 -1.52 -7.61 -39.92
CA ARG A 93 -1.87 -6.25 -39.51
C ARG A 93 -1.40 -5.96 -38.08
N VAL A 94 -1.56 -6.94 -37.18
CA VAL A 94 -1.15 -6.73 -35.79
C VAL A 94 0.36 -6.60 -35.68
N LEU A 95 1.11 -7.47 -36.38
CA LEU A 95 2.57 -7.40 -36.32
C LEU A 95 3.10 -6.09 -36.89
N ARG A 96 2.46 -5.54 -37.91
CA ARG A 96 2.86 -4.24 -38.43
C ARG A 96 2.64 -3.14 -37.39
N SER A 97 1.45 -3.14 -36.76
CA SER A 97 1.12 -2.10 -35.79
C SER A 97 2.10 -2.08 -34.63
N TYR A 98 2.57 -3.26 -34.21
CA TYR A 98 3.62 -3.33 -33.21
C TYR A 98 4.92 -2.73 -33.74
N SER A 99 5.32 -3.12 -34.96
CA SER A 99 6.51 -2.54 -35.56
C SER A 99 6.30 -1.05 -35.81
N ASN A 100 5.18 -0.70 -36.46
CA ASN A 100 4.91 0.70 -36.80
C ASN A 100 5.05 1.61 -35.58
N MET A 101 4.57 1.17 -34.43
CA MET A 101 4.76 1.94 -33.21
C MET A 101 6.24 2.05 -32.85
N ARG A 102 7.00 0.97 -33.04
CA ARG A 102 8.43 1.02 -32.76
C ARG A 102 9.16 1.92 -33.76
N GLU A 103 8.74 1.90 -35.03
CA GLU A 103 9.35 2.80 -36.01
C GLU A 103 9.15 4.26 -35.61
N GLN A 104 7.92 4.60 -35.21
CA GLN A 104 7.64 5.97 -34.79
C GLN A 104 8.34 6.31 -33.48
N THR A 105 8.36 5.37 -32.53
CA THR A 105 8.94 5.65 -31.22
C THR A 105 10.42 5.99 -31.32
N GLN A 106 11.16 5.26 -32.15
CA GLN A 106 12.59 5.52 -32.31
C GLN A 106 12.84 6.93 -32.83
N ASP A 107 11.96 7.44 -33.70
CA ASP A 107 12.08 8.80 -34.20
C ASP A 107 11.68 9.86 -33.18
N LEU A 108 10.86 9.50 -32.19
CA LEU A 108 10.40 10.45 -31.19
C LEU A 108 11.27 10.49 -29.94
N ILE A 109 12.36 9.72 -29.90
CA ILE A 109 13.18 9.63 -28.70
C ILE A 109 14.01 10.89 -28.55
N ASP A 110 13.91 11.53 -27.38
CA ASP A 110 14.80 12.61 -26.96
C ASP A 110 15.66 12.03 -25.85
N GLU A 111 16.86 11.57 -26.21
CA GLU A 111 17.68 10.83 -25.27
C GLU A 111 18.07 11.68 -24.06
N VAL A 112 18.43 12.95 -24.28
CA VAL A 112 18.88 13.79 -23.18
C VAL A 112 17.71 14.10 -22.23
N GLN A 113 16.48 14.13 -22.74
CA GLN A 113 15.33 14.31 -21.88
C GLN A 113 15.09 13.09 -21.00
N LEU A 114 15.18 11.90 -21.59
CA LEU A 114 14.98 10.67 -20.83
C LEU A 114 16.04 10.50 -19.76
N GLU A 115 17.28 10.88 -20.06
CA GLU A 115 18.33 10.83 -19.05
C GLU A 115 18.02 11.73 -17.87
N ARG A 116 17.55 12.95 -18.14
CA ARG A 116 17.22 13.86 -17.05
C ARG A 116 16.08 13.31 -16.20
N ILE A 117 15.06 12.75 -16.84
CA ILE A 117 13.96 12.14 -16.09
C ILE A 117 14.48 11.02 -15.20
N ALA A 118 15.31 10.13 -15.78
CA ALA A 118 15.95 9.09 -14.97
C ALA A 118 16.70 9.69 -13.79
N GLN A 119 17.36 10.84 -14.01
CA GLN A 119 18.00 11.53 -12.89
C GLN A 119 16.96 12.12 -11.94
N LEU A 120 15.85 12.63 -12.48
CA LEU A 120 14.82 13.23 -11.63
C LEU A 120 14.26 12.23 -10.63
N ILE A 121 14.03 10.98 -11.06
CA ILE A 121 13.49 9.96 -10.16
C ILE A 121 14.52 9.60 -9.09
N GLU A 122 15.80 9.51 -9.46
CA GLU A 122 16.85 9.19 -8.48
C GLU A 122 16.96 10.28 -7.42
N ASP A 123 16.96 11.54 -7.84
CA ASP A 123 17.11 12.64 -6.89
C ASP A 123 15.84 12.85 -6.08
N ALA A 124 14.68 12.48 -6.62
CA ALA A 124 13.43 12.64 -5.90
C ALA A 124 13.37 11.70 -4.70
N GLU A 125 12.78 12.18 -3.60
CA GLU A 125 12.60 11.34 -2.43
C GLU A 125 11.33 10.51 -2.55
N ARG A 126 10.29 11.05 -3.15
CA ARG A 126 9.03 10.36 -3.37
C ARG A 126 8.61 10.53 -4.82
N VAL A 127 8.17 9.43 -5.42
CA VAL A 127 7.75 9.41 -6.83
C VAL A 127 6.33 8.85 -6.89
N TYR A 128 5.49 9.48 -7.72
CA TYR A 128 4.13 9.02 -7.90
C TYR A 128 3.84 8.88 -9.38
N PHE A 129 2.94 7.95 -9.70
CA PHE A 129 2.54 7.66 -11.08
C PHE A 129 1.03 7.77 -11.18
N PHE A 130 0.57 8.70 -12.01
CA PHE A 130 -0.86 8.94 -12.20
C PHE A 130 -1.28 8.44 -13.58
N GLY A 131 -2.38 7.70 -13.63
CA GLY A 131 -2.92 7.23 -14.90
C GLY A 131 -4.32 6.69 -14.71
N THR A 132 -5.04 6.61 -15.82
CA THR A 132 -6.41 6.10 -15.82
C THR A 132 -6.58 5.09 -16.95
N GLY A 133 -7.37 4.05 -16.68
CA GLY A 133 -7.59 3.01 -17.68
C GLY A 133 -6.29 2.29 -18.00
N SER A 134 -5.98 2.22 -19.30
CA SER A 134 -4.71 1.62 -19.71
C SER A 134 -3.52 2.40 -19.17
N SER A 135 -3.63 3.73 -19.16
CA SER A 135 -2.57 4.54 -18.57
C SER A 135 -2.38 4.21 -17.09
N GLY A 136 -3.47 3.87 -16.40
CA GLY A 136 -3.34 3.42 -15.03
C GLY A 136 -2.52 2.15 -14.91
N LEU A 137 -2.75 1.19 -15.81
CA LEU A 137 -1.98 -0.05 -15.78
C LEU A 137 -0.50 0.22 -16.03
N VAL A 138 -0.19 1.16 -16.91
CA VAL A 138 1.20 1.53 -17.14
C VAL A 138 1.81 2.12 -15.87
N ALA A 139 1.05 2.95 -15.17
CA ALA A 139 1.53 3.53 -13.92
C ALA A 139 1.85 2.45 -12.90
N ARG A 140 0.98 1.45 -12.79
CA ARG A 140 1.24 0.33 -11.89
C ARG A 140 2.46 -0.47 -12.32
N GLU A 141 2.64 -0.63 -13.64
CA GLU A 141 3.81 -1.35 -14.15
C GLU A 141 5.10 -0.61 -13.80
N MET A 142 5.12 0.71 -13.99
CA MET A 142 6.32 1.48 -13.65
C MET A 142 6.57 1.46 -12.16
N LYS A 143 5.51 1.44 -11.34
CA LYS A 143 5.67 1.35 -9.90
C LYS A 143 6.36 0.06 -9.50
N LEU A 144 6.02 -1.05 -10.16
CA LEU A 144 6.64 -2.34 -9.86
C LEU A 144 8.13 -2.32 -10.16
N ARG A 145 8.51 -1.82 -11.34
CA ARG A 145 9.91 -1.88 -11.76
C ARG A 145 10.80 -1.04 -10.86
N PHE A 146 10.38 0.18 -10.53
CA PHE A 146 11.24 1.09 -9.77
C PHE A 146 11.23 0.81 -8.27
N MET A 147 10.12 0.26 -7.75
CA MET A 147 10.12 -0.13 -6.34
C MET A 147 11.13 -1.23 -6.07
N ARG A 148 11.32 -2.14 -7.03
CA ARG A 148 12.31 -3.19 -6.88
C ARG A 148 13.73 -2.66 -6.82
N LEU A 149 13.96 -1.44 -7.31
CA LEU A 149 15.28 -0.81 -7.28
C LEU A 149 15.48 0.10 -6.07
N GLY A 150 14.50 0.19 -5.18
CA GLY A 150 14.61 1.01 -4.01
C GLY A 150 13.90 2.35 -4.08
N VAL A 151 13.21 2.64 -5.19
CA VAL A 151 12.47 3.89 -5.30
C VAL A 151 11.22 3.81 -4.44
N VAL A 152 11.00 4.83 -3.62
CA VAL A 152 9.79 4.93 -2.81
C VAL A 152 8.70 5.54 -3.71
N CYS A 153 7.68 4.73 -4.02
CA CYS A 153 6.70 5.18 -4.99
C CYS A 153 5.35 4.55 -4.72
N GLU A 154 4.31 5.22 -5.19
CA GLU A 154 2.96 4.70 -5.17
C GLU A 154 2.29 5.02 -6.49
N ALA A 155 1.43 4.11 -6.96
CA ALA A 155 0.72 4.27 -8.21
C ALA A 155 -0.76 4.48 -7.94
N LEU A 156 -1.38 5.40 -8.67
CA LEU A 156 -2.76 5.77 -8.47
C LEU A 156 -3.52 5.73 -9.80
N THR A 157 -4.79 5.33 -9.73
CA THR A 157 -5.57 5.08 -10.93
C THR A 157 -6.94 5.76 -10.96
N ASP A 158 -7.28 6.54 -9.92
CA ASP A 158 -8.55 7.26 -9.90
C ASP A 158 -8.32 8.68 -9.39
N GLN A 159 -9.27 9.55 -9.72
CA GLN A 159 -9.14 10.96 -9.35
C GLN A 159 -9.24 11.16 -7.84
N ASP A 160 -10.04 10.35 -7.16
CA ASP A 160 -10.09 10.41 -5.70
C ASP A 160 -8.73 10.10 -5.10
N GLY A 161 -7.99 9.16 -5.70
CA GLY A 161 -6.62 8.94 -5.30
C GLY A 161 -5.71 10.11 -5.65
N PHE A 162 -5.93 10.71 -6.83
CA PHE A 162 -5.10 11.84 -7.25
C PHE A 162 -5.20 13.00 -6.28
N ALA A 163 -6.43 13.35 -5.86
CA ALA A 163 -6.61 14.52 -5.00
C ALA A 163 -6.01 14.30 -3.62
N TRP A 164 -6.16 13.11 -3.05
CA TRP A 164 -5.56 12.83 -1.76
C TRP A 164 -4.04 12.92 -1.82
N THR A 165 -3.44 12.36 -2.87
CA THR A 165 -1.98 12.38 -2.98
C THR A 165 -1.45 13.80 -3.10
N THR A 166 -2.12 14.64 -3.90
CA THR A 166 -1.67 16.01 -4.08
C THR A 166 -1.59 16.76 -2.77
N SER A 167 -2.41 16.40 -1.79
CA SER A 167 -2.38 17.09 -0.50
C SER A 167 -1.11 16.80 0.27
N ILE A 168 -0.53 15.61 0.12
CA ILE A 168 0.60 15.19 0.93
C ILE A 168 1.94 15.38 0.20
N MET A 169 1.96 16.19 -0.85
CA MET A 169 3.15 16.35 -1.67
C MET A 169 3.82 17.69 -1.42
N ASP A 170 5.13 17.73 -1.68
CA ASP A 170 5.93 18.92 -1.41
C ASP A 170 6.95 19.18 -2.51
N GLU A 171 8.02 19.89 -2.17
CA GLU A 171 9.04 20.26 -3.16
C GLU A 171 9.94 19.09 -3.53
N ASN A 172 10.04 18.06 -2.69
CA ASN A 172 10.89 16.91 -2.97
C ASN A 172 10.12 15.76 -3.62
N CYS A 173 8.87 15.97 -4.01
CA CYS A 173 8.07 14.96 -4.66
C CYS A 173 8.13 15.09 -6.17
N LEU A 174 7.88 13.99 -6.86
CA LEU A 174 7.87 13.96 -8.31
C LEU A 174 6.72 13.06 -8.75
N VAL A 175 5.89 13.56 -9.66
CA VAL A 175 4.73 12.81 -10.14
C VAL A 175 4.80 12.73 -11.65
N LEU A 176 4.48 11.56 -12.19
CA LEU A 176 4.43 11.32 -13.62
C LEU A 176 3.00 10.98 -14.02
N GLY A 177 2.43 11.78 -14.91
CA GLY A 177 1.07 11.57 -15.37
C GLY A 177 1.06 10.97 -16.76
N PHE A 178 0.18 9.98 -16.96
CA PHE A 178 0.05 9.29 -18.23
C PHE A 178 -1.33 9.58 -18.80
N SER A 179 -1.37 10.22 -19.97
CA SER A 179 -2.61 10.51 -20.68
C SER A 179 -2.33 10.35 -22.17
N LEU A 180 -2.73 9.21 -22.73
CA LEU A 180 -2.48 8.94 -24.15
C LEU A 180 -3.19 9.96 -25.03
N SER A 181 -4.44 10.29 -24.71
CA SER A 181 -5.18 11.28 -25.48
C SER A 181 -4.63 12.69 -25.26
N GLY A 182 -4.06 12.95 -24.09
CA GLY A 182 -3.58 14.28 -23.77
C GLY A 182 -4.65 15.27 -23.35
N SER A 183 -5.91 14.84 -23.24
CA SER A 183 -7.01 15.72 -22.84
C SER A 183 -7.78 15.16 -21.65
N THR A 184 -7.21 14.22 -20.91
CA THR A 184 -7.89 13.65 -19.76
C THR A 184 -8.00 14.69 -18.67
N PRO A 185 -9.21 15.02 -18.18
CA PRO A 185 -9.31 16.10 -17.19
C PRO A 185 -8.61 15.78 -15.87
N SER A 186 -8.79 14.58 -15.34
CA SER A 186 -8.22 14.24 -14.04
C SER A 186 -6.70 14.28 -14.05
N ILE A 187 -6.08 13.77 -15.13
CA ILE A 187 -4.62 13.75 -15.20
C ILE A 187 -4.07 15.16 -15.30
N LEU A 188 -4.66 15.99 -16.16
CA LEU A 188 -4.15 17.35 -16.36
C LEU A 188 -4.37 18.21 -15.13
N ASP A 189 -5.57 18.15 -14.52
CA ASP A 189 -5.86 18.99 -13.37
C ASP A 189 -5.01 18.58 -12.16
N SER A 190 -4.96 17.28 -11.87
CA SER A 190 -4.18 16.82 -10.72
C SER A 190 -2.69 17.09 -10.91
N LEU A 191 -2.22 17.06 -12.16
CA LEU A 191 -0.82 17.40 -12.44
C LEU A 191 -0.52 18.85 -12.08
N LEU A 192 -1.45 19.75 -12.40
CA LEU A 192 -1.29 21.15 -12.01
C LEU A 192 -1.35 21.31 -10.50
N ASP A 193 -2.24 20.57 -9.83
CA ASP A 193 -2.30 20.62 -8.38
C ASP A 193 -1.01 20.15 -7.75
N ALA A 194 -0.33 19.19 -8.37
CA ALA A 194 0.98 18.76 -7.88
C ALA A 194 2.01 19.88 -8.00
N LYS A 195 1.99 20.62 -9.11
CA LYS A 195 2.95 21.71 -9.28
C LYS A 195 2.75 22.81 -8.26
N GLU A 196 1.49 23.15 -7.97
CA GLU A 196 1.20 24.16 -6.96
C GLU A 196 1.67 23.74 -5.58
N MET A 197 1.87 22.43 -5.36
CA MET A 197 2.44 21.92 -4.12
C MET A 197 3.96 21.89 -4.16
N GLY A 198 4.58 22.35 -5.25
CA GLY A 198 6.02 22.45 -5.34
C GLY A 198 6.71 21.25 -5.96
N ALA A 199 5.96 20.25 -6.40
CA ALA A 199 6.57 19.05 -6.96
C ALA A 199 6.82 19.20 -8.44
N LYS A 200 7.82 18.47 -8.92
CA LYS A 200 8.12 18.42 -10.35
C LYS A 200 7.13 17.50 -11.06
N THR A 201 6.77 17.87 -12.28
CA THR A 201 5.70 17.19 -13.02
C THR A 201 6.20 16.77 -14.39
N VAL A 202 5.94 15.52 -14.75
CA VAL A 202 6.25 14.98 -16.07
C VAL A 202 4.96 14.41 -16.64
N LEU A 203 4.65 14.77 -17.89
CA LEU A 203 3.44 14.31 -18.57
C LEU A 203 3.82 13.50 -19.80
N PHE A 204 3.18 12.35 -19.97
CA PHE A 204 3.36 11.50 -21.14
C PHE A 204 2.09 11.60 -21.98
N SER A 205 2.25 12.02 -23.24
CA SER A 205 1.10 12.21 -24.12
C SER A 205 1.51 11.95 -25.56
N SER A 206 0.54 11.56 -26.37
CA SER A 206 0.76 11.36 -27.80
C SER A 206 0.50 12.62 -28.60
N VAL A 207 -0.23 13.59 -28.05
CA VAL A 207 -0.48 14.85 -28.71
C VAL A 207 0.54 15.87 -28.21
N PRO A 208 1.18 16.63 -29.09
CA PRO A 208 2.14 17.63 -28.65
C PRO A 208 1.43 18.79 -27.99
N ASN A 209 2.09 19.38 -26.99
CA ASN A 209 1.50 20.52 -26.29
C ASN A 209 2.62 21.29 -25.60
N LYS A 210 3.15 22.29 -26.30
CA LYS A 210 4.00 23.29 -25.68
C LYS A 210 3.19 24.48 -25.17
N ASP A 211 1.93 24.61 -25.61
CA ASP A 211 1.05 25.64 -25.08
C ASP A 211 0.89 25.49 -23.57
N SER A 212 0.66 24.26 -23.13
CA SER A 212 0.58 23.95 -21.71
C SER A 212 1.92 23.41 -21.19
N GLN A 213 3.01 24.06 -21.60
CA GLN A 213 4.30 23.79 -20.99
C GLN A 213 4.29 24.35 -19.56
N ALA A 214 3.49 23.73 -18.69
CA ALA A 214 3.53 24.02 -17.27
C ALA A 214 4.29 22.96 -16.49
N TYR A 215 4.53 21.81 -17.11
CA TYR A 215 5.15 20.68 -16.45
C TYR A 215 6.64 20.67 -16.72
N THR A 216 7.40 20.07 -15.79
CA THR A 216 8.86 20.09 -15.87
C THR A 216 9.33 19.51 -17.20
N GLU A 217 8.75 18.39 -17.62
CA GLU A 217 9.03 17.79 -18.91
C GLU A 217 7.74 17.26 -19.51
N THR A 218 7.64 17.29 -20.84
CA THR A 218 6.54 16.68 -21.57
C THR A 218 7.14 15.68 -22.56
N VAL A 219 6.74 14.42 -22.44
CA VAL A 219 7.31 13.35 -23.24
C VAL A 219 6.32 13.00 -24.33
N LEU A 220 6.77 13.04 -25.59
CA LEU A 220 5.94 12.71 -26.73
C LEU A 220 6.05 11.22 -27.01
N VAL A 221 4.92 10.52 -26.94
CA VAL A 221 4.88 9.08 -27.18
C VAL A 221 4.26 8.82 -28.54
N ALA A 222 4.44 7.59 -29.03
CA ALA A 222 3.96 7.22 -30.35
C ALA A 222 2.43 7.14 -30.36
N THR A 223 1.86 7.24 -31.56
CA THR A 223 0.43 7.11 -31.79
C THR A 223 0.13 5.76 -32.42
N HIS A 224 -1.12 5.32 -32.26
CA HIS A 224 -1.51 4.01 -32.74
C HIS A 224 -1.60 3.99 -34.26
N SER A 225 -1.09 2.90 -34.85
CA SER A 225 -1.06 2.78 -36.32
C SER A 225 -2.47 2.67 -36.89
N GLN A 226 -3.36 1.94 -36.23
CA GLN A 226 -4.71 1.79 -36.72
C GLN A 226 -5.48 3.10 -36.60
N PRO A 227 -6.23 3.49 -37.63
CA PRO A 227 -7.04 4.71 -37.54
C PRO A 227 -8.31 4.50 -36.75
N SER A 228 -8.97 3.36 -36.97
CA SER A 228 -10.19 3.03 -36.25
C SER A 228 -9.87 2.53 -34.85
N TYR A 229 -10.59 3.05 -33.85
CA TYR A 229 -10.25 2.76 -32.46
C TYR A 229 -10.38 1.28 -32.13
N ILE A 230 -11.41 0.62 -32.68
CA ILE A 230 -11.70 -0.77 -32.29
C ILE A 230 -10.55 -1.69 -32.68
N GLN A 231 -9.78 -1.35 -33.71
CA GLN A 231 -8.74 -2.23 -34.23
C GLN A 231 -7.34 -1.90 -33.70
N ARG A 232 -7.19 -0.86 -32.88
CA ARG A 232 -5.87 -0.49 -32.41
C ARG A 232 -5.36 -1.49 -31.37
N ILE A 233 -4.05 -1.68 -31.36
CA ILE A 233 -3.39 -2.61 -30.45
C ILE A 233 -3.44 -2.06 -29.02
N SER A 234 -2.76 -2.73 -28.10
CA SER A 234 -2.80 -2.34 -26.69
C SER A 234 -2.37 -0.90 -26.50
N ALA A 235 -3.15 -0.15 -25.70
CA ALA A 235 -2.87 1.26 -25.46
C ALA A 235 -1.66 1.48 -24.56
N GLN A 236 -1.16 0.42 -23.91
CA GLN A 236 0.01 0.55 -23.05
C GLN A 236 1.31 0.69 -23.83
N LEU A 237 1.33 0.29 -25.11
CA LEU A 237 2.57 0.24 -25.87
C LEU A 237 3.28 1.59 -25.97
N PRO A 238 2.62 2.70 -26.33
CA PRO A 238 3.35 3.97 -26.41
C PRO A 238 4.03 4.36 -25.11
N MET A 239 3.39 4.08 -23.97
CA MET A 239 4.03 4.36 -22.69
C MET A 239 5.11 3.32 -22.39
N LEU A 240 4.85 2.05 -22.71
CA LEU A 240 5.78 0.97 -22.34
C LEU A 240 7.17 1.20 -22.93
N PHE A 241 7.24 1.76 -24.14
CA PHE A 241 8.53 2.03 -24.76
C PHE A 241 9.36 2.98 -23.91
N PHE A 242 8.75 4.07 -23.46
CA PHE A 242 9.50 5.11 -22.75
C PHE A 242 9.79 4.73 -21.30
N ILE A 243 8.88 3.99 -20.64
CA ILE A 243 9.17 3.57 -19.28
C ILE A 243 10.34 2.59 -19.25
N ASP A 244 10.44 1.73 -20.27
CA ASP A 244 11.58 0.82 -20.35
C ASP A 244 12.87 1.59 -20.61
N LEU A 245 12.81 2.63 -21.44
CA LEU A 245 13.99 3.46 -21.72
C LEU A 245 14.43 4.20 -20.46
N ILE A 246 13.49 4.86 -19.78
CA ILE A 246 13.81 5.59 -18.56
C ILE A 246 14.33 4.63 -17.49
N TYR A 247 13.76 3.43 -17.44
CA TYR A 247 14.26 2.41 -16.52
C TYR A 247 15.72 2.05 -16.81
N ALA A 248 16.06 1.91 -18.10
CA ALA A 248 17.43 1.55 -18.46
C ALA A 248 18.42 2.64 -18.06
N TYR A 249 18.09 3.91 -18.31
CA TYR A 249 18.97 5.00 -17.91
C TYR A 249 19.06 5.09 -16.40
N PHE A 250 17.94 4.91 -15.70
CA PHE A 250 17.95 4.96 -14.24
C PHE A 250 18.78 3.82 -13.65
N LEU A 251 18.77 2.66 -14.30
CA LEU A 251 19.46 1.49 -13.76
C LEU A 251 20.97 1.72 -13.64
N GLU A 252 21.56 2.42 -14.61
CA GLU A 252 23.00 2.63 -14.59
C GLU A 252 23.43 3.72 -13.61
N ILE A 253 22.50 4.44 -12.99
CA ILE A 253 22.82 5.38 -11.93
C ILE A 253 22.99 4.56 -10.64
N ASN A 254 24.21 4.49 -10.14
CA ASN A 254 24.54 3.67 -8.96
C ASN A 254 24.10 2.22 -9.18
N ARG A 255 24.63 1.62 -10.25
CA ARG A 255 24.16 0.32 -10.69
C ARG A 255 24.32 -0.74 -9.62
N GLU A 256 25.47 -0.75 -8.93
CA GLU A 256 25.74 -1.79 -7.95
C GLU A 256 24.75 -1.74 -6.78
N SER A 257 24.47 -0.54 -6.27
CA SER A 257 23.51 -0.42 -5.18
C SER A 257 22.10 -0.78 -5.63
N LYS A 258 21.73 -0.42 -6.86
CA LYS A 258 20.43 -0.80 -7.39
C LYS A 258 20.30 -2.32 -7.48
N GLU A 259 21.37 -2.98 -7.92
CA GLU A 259 21.35 -4.44 -8.07
C GLU A 259 21.23 -5.13 -6.73
N LYS A 260 21.87 -4.56 -5.69
CA LYS A 260 21.77 -5.16 -4.36
C LYS A 260 20.33 -5.14 -3.85
N ILE A 261 19.62 -4.02 -4.07
CA ILE A 261 18.24 -3.92 -3.64
C ILE A 261 17.35 -4.86 -4.46
N PHE A 262 17.60 -4.95 -5.77
CA PHE A 262 16.79 -5.78 -6.64
C PHE A 262 16.89 -7.25 -6.25
N ASN A 263 18.11 -7.72 -5.98
CA ASN A 263 18.27 -9.09 -5.50
C ASN A 263 17.69 -9.27 -4.11
N SER A 264 17.74 -8.23 -3.28
CA SER A 264 17.08 -8.27 -1.98
C SER A 264 15.57 -8.38 -2.14
N TYR A 265 15.00 -7.71 -3.15
CA TYR A 265 13.57 -7.79 -3.38
C TYR A 265 13.13 -9.22 -3.69
N TRP A 266 13.87 -9.89 -4.58
CA TRP A 266 13.48 -11.25 -4.94
C TRP A 266 13.81 -12.24 -3.84
N GLU A 267 14.80 -11.95 -3.00
CA GLU A 267 15.13 -12.85 -1.90
C GLU A 267 14.01 -12.89 -0.86
N ASN A 268 13.57 -11.71 -0.40
CA ASN A 268 12.64 -11.66 0.73
C ASN A 268 11.18 -11.64 0.30
N LYS A 269 10.88 -11.23 -0.93
CA LYS A 269 9.52 -11.20 -1.47
C LYS A 269 9.29 -12.33 -2.47
N LYS A 270 9.75 -13.54 -2.12
CA LYS A 270 9.55 -14.75 -2.94
C LYS A 270 9.78 -15.94 -2.01
N LEU A 271 8.70 -16.36 -1.33
CA LEU A 271 8.75 -17.43 -0.32
C LEU A 271 10.09 -17.46 0.40
N ASN A 272 10.54 -16.32 0.92
CA ASN A 272 11.87 -16.21 1.52
C ASN A 272 12.96 -16.93 0.72
N LYS B 3 3.10 6.52 46.89
CA LYS B 3 3.51 5.77 45.70
C LYS B 3 3.17 4.27 45.72
N PRO B 4 3.35 3.54 46.87
CA PRO B 4 3.11 2.10 46.84
C PRO B 4 1.71 1.71 47.30
N ASP B 5 1.16 0.64 46.71
CA ASP B 5 -0.11 0.11 47.17
C ASP B 5 0.03 -0.37 48.62
N ILE B 6 -1.05 -0.22 49.39
CA ILE B 6 -0.99 -0.63 50.78
C ILE B 6 -0.80 -2.14 50.90
N ALA B 7 -1.19 -2.90 49.86
CA ALA B 7 -0.82 -4.31 49.82
C ALA B 7 0.68 -4.48 49.67
N THR B 8 1.32 -3.58 48.91
CA THR B 8 2.76 -3.70 48.66
C THR B 8 3.59 -3.32 49.88
N VAL B 9 3.21 -2.25 50.59
CA VAL B 9 3.99 -1.84 51.76
C VAL B 9 3.94 -2.91 52.84
N ILE B 10 2.76 -3.50 53.08
CA ILE B 10 2.67 -4.62 54.01
C ILE B 10 3.46 -5.80 53.47
N ASP B 11 3.41 -6.03 52.16
CA ASP B 11 4.24 -7.08 51.55
C ASP B 11 5.71 -6.75 51.70
N SER B 12 6.09 -5.49 51.44
CA SER B 12 7.48 -5.08 51.64
C SER B 12 7.84 -5.09 53.12
N HIS B 13 6.95 -4.59 53.98
CA HIS B 13 7.14 -4.66 55.43
C HIS B 13 6.38 -5.86 55.98
N PHE B 14 6.92 -7.05 55.74
CA PHE B 14 6.37 -8.26 56.33
C PHE B 14 7.41 -9.05 57.11
N GLU B 15 8.56 -9.33 56.50
CA GLU B 15 9.53 -10.24 57.12
C GLU B 15 10.14 -9.67 58.40
N GLU B 16 10.04 -8.36 58.61
CA GLU B 16 10.55 -7.72 59.82
C GLU B 16 9.49 -7.56 60.91
N MET B 17 8.27 -8.04 60.68
CA MET B 17 7.19 -7.93 61.64
C MET B 17 7.23 -9.09 62.63
N THR B 18 6.75 -8.82 63.85
CA THR B 18 6.69 -9.86 64.86
C THR B 18 5.61 -10.89 64.50
N ASP B 19 5.64 -12.02 65.21
CA ASP B 19 4.72 -13.11 64.89
C ASP B 19 3.26 -12.68 65.03
N LEU B 20 2.94 -11.95 66.11
CA LEU B 20 1.58 -11.45 66.29
C LEU B 20 1.21 -10.47 65.19
N GLU B 21 2.13 -9.57 64.85
CA GLU B 21 1.85 -8.60 63.79
C GLU B 21 1.58 -9.27 62.46
N GLN B 22 2.29 -10.36 62.17
CA GLN B 22 2.06 -11.09 60.92
C GLN B 22 0.62 -11.57 60.81
N GLU B 23 0.05 -12.02 61.93
CA GLU B 23 -1.38 -12.32 61.96
C GLU B 23 -2.20 -11.07 61.71
N ILE B 24 -1.82 -9.95 62.33
CA ILE B 24 -2.56 -8.70 62.17
C ILE B 24 -2.55 -8.27 60.72
N ALA B 25 -1.39 -8.35 60.06
CA ALA B 25 -1.31 -8.05 58.63
C ALA B 25 -2.33 -8.86 57.84
N ARG B 26 -2.25 -10.19 57.95
CA ARG B 26 -3.03 -11.07 57.09
C ARG B 26 -4.52 -10.74 57.15
N TYR B 27 -4.99 -10.21 58.29
CA TYR B 27 -6.36 -9.71 58.37
C TYR B 27 -6.59 -8.56 57.39
N PHE B 28 -5.63 -7.63 57.30
CA PHE B 28 -5.78 -6.48 56.41
C PHE B 28 -5.46 -6.83 54.95
N LEU B 29 -4.66 -7.86 54.69
CA LEU B 29 -4.45 -8.30 53.32
C LEU B 29 -5.69 -8.93 52.71
N GLN B 30 -6.64 -9.37 53.54
CA GLN B 30 -7.85 -10.00 53.05
C GLN B 30 -8.71 -9.00 52.27
N ALA B 31 -9.34 -9.47 51.20
CA ALA B 31 -10.10 -8.60 50.32
C ALA B 31 -11.34 -8.04 51.03
N GLU B 32 -12.02 -8.88 51.81
CA GLU B 32 -13.30 -8.48 52.40
C GLU B 32 -13.14 -7.67 53.69
N THR B 33 -11.92 -7.43 54.15
CA THR B 33 -11.72 -6.70 55.40
C THR B 33 -12.13 -5.24 55.29
N ILE B 34 -12.25 -4.71 54.07
CA ILE B 34 -12.73 -3.34 53.87
C ILE B 34 -14.15 -3.20 54.42
N GLN B 35 -14.97 -4.23 54.23
CA GLN B 35 -16.36 -4.21 54.68
C GLN B 35 -16.49 -4.12 56.19
N ASP B 36 -15.45 -4.48 56.94
CA ASP B 36 -15.54 -4.57 58.39
C ASP B 36 -15.44 -3.19 59.04
N ASP B 37 -15.83 -3.16 60.32
CA ASP B 37 -15.60 -2.00 61.16
C ASP B 37 -14.12 -1.98 61.55
N LEU B 38 -13.39 -0.97 61.07
CA LEU B 38 -11.94 -0.92 61.22
C LEU B 38 -11.49 -0.08 62.41
N SER B 39 -12.40 0.25 63.33
CA SER B 39 -12.00 0.95 64.53
C SER B 39 -11.13 0.05 65.41
N SER B 40 -10.32 0.69 66.26
CA SER B 40 -9.44 -0.07 67.14
C SER B 40 -10.24 -0.98 68.07
N GLN B 41 -11.40 -0.51 68.53
CA GLN B 41 -12.20 -1.32 69.45
C GLN B 41 -12.64 -2.62 68.80
N GLN B 42 -13.18 -2.55 67.59
CA GLN B 42 -13.72 -3.75 66.95
C GLN B 42 -12.62 -4.68 66.47
N VAL B 43 -11.59 -4.15 65.82
CA VAL B 43 -10.50 -4.99 65.31
C VAL B 43 -9.79 -5.69 66.46
N THR B 44 -9.64 -4.99 67.60
CA THR B 44 -9.06 -5.62 68.78
C THR B 44 -9.91 -6.80 69.25
N GLN B 45 -11.24 -6.63 69.27
CA GLN B 45 -12.11 -7.70 69.74
C GLN B 45 -12.13 -8.87 68.77
N LYS B 46 -12.11 -8.59 67.47
CA LYS B 46 -12.15 -9.67 66.49
C LYS B 46 -10.84 -10.46 66.48
N LEU B 47 -9.70 -9.77 66.51
CA LEU B 47 -8.42 -10.45 66.46
C LEU B 47 -7.87 -10.82 67.83
N HIS B 48 -8.54 -10.40 68.90
CA HIS B 48 -8.12 -10.64 70.28
C HIS B 48 -6.67 -10.21 70.48
N ILE B 49 -6.45 -8.91 70.35
CA ILE B 49 -5.13 -8.31 70.55
C ILE B 49 -5.29 -7.11 71.47
N SER B 50 -4.23 -6.32 71.60
CA SER B 50 -4.28 -5.07 72.35
C SER B 50 -4.33 -3.89 71.39
N GLN B 51 -4.91 -2.79 71.86
CA GLN B 51 -4.91 -1.58 71.04
C GLN B 51 -3.50 -1.09 70.78
N ALA B 52 -2.57 -1.38 71.70
CA ALA B 52 -1.16 -1.06 71.46
C ALA B 52 -0.60 -1.88 70.31
N ALA B 53 -1.08 -3.11 70.11
CA ALA B 53 -0.58 -3.95 69.03
C ALA B 53 -0.90 -3.33 67.67
N LEU B 54 -2.09 -2.75 67.53
CA LEU B 54 -2.45 -2.08 66.28
C LEU B 54 -1.56 -0.86 66.02
N THR B 55 -1.27 -0.09 67.08
CA THR B 55 -0.37 1.04 66.92
C THR B 55 1.04 0.57 66.56
N ARG B 56 1.52 -0.49 67.22
CA ARG B 56 2.83 -1.03 66.89
C ARG B 56 2.88 -1.56 65.47
N PHE B 57 1.81 -2.23 65.03
CA PHE B 57 1.77 -2.77 63.67
C PHE B 57 1.86 -1.66 62.63
N ALA B 58 1.09 -0.60 62.82
CA ALA B 58 1.09 0.50 61.85
C ALA B 58 2.45 1.18 61.80
N LYS B 59 3.08 1.39 62.95
CA LYS B 59 4.43 1.97 62.97
C LYS B 59 5.44 1.06 62.29
N LYS B 60 5.29 -0.25 62.47
CA LYS B 60 6.17 -1.20 61.79
C LYS B 60 6.03 -1.09 60.28
N CYS B 61 4.86 -0.67 59.79
CA CYS B 61 4.64 -0.45 58.38
C CYS B 61 5.09 0.93 57.91
N GLY B 62 5.57 1.78 58.82
CA GLY B 62 6.03 3.10 58.48
C GLY B 62 5.02 4.21 58.64
N PHE B 63 4.10 4.10 59.60
CA PHE B 63 3.09 5.12 59.85
C PHE B 63 3.25 5.69 61.24
N THR B 64 2.62 6.85 61.47
CA THR B 64 2.61 7.44 62.79
C THR B 64 1.81 6.59 63.77
N GLY B 65 0.76 5.94 63.31
CA GLY B 65 -0.04 5.10 64.17
C GLY B 65 -1.17 4.45 63.41
N TYR B 66 -2.06 3.79 64.16
CA TYR B 66 -3.17 3.09 63.55
C TYR B 66 -4.14 4.05 62.87
N ARG B 67 -4.27 5.27 63.41
CA ARG B 67 -5.18 6.25 62.81
C ARG B 67 -4.74 6.62 61.40
N GLU B 68 -3.44 6.90 61.22
CA GLU B 68 -2.95 7.21 59.89
C GLU B 68 -3.00 6.01 58.97
N PHE B 69 -2.81 4.80 59.52
CA PHE B 69 -2.87 3.59 58.71
C PHE B 69 -4.26 3.36 58.13
N ILE B 70 -5.29 3.48 58.97
CA ILE B 70 -6.66 3.25 58.51
C ILE B 70 -7.07 4.36 57.55
N PHE B 71 -6.62 5.59 57.77
CA PHE B 71 -6.87 6.65 56.80
C PHE B 71 -6.25 6.30 55.46
N GLN B 72 -4.99 5.87 55.46
CA GLN B 72 -4.37 5.41 54.23
C GLN B 72 -5.09 4.19 53.68
N TYR B 73 -5.55 3.30 54.57
CA TYR B 73 -6.23 2.09 54.13
C TYR B 73 -7.56 2.41 53.47
N GLN B 74 -8.40 3.22 54.13
CA GLN B 74 -9.73 3.49 53.59
C GLN B 74 -9.67 4.44 52.40
N HIS B 75 -8.81 5.46 52.46
CA HIS B 75 -8.67 6.37 51.34
C HIS B 75 -8.23 5.63 50.08
N GLU B 76 -7.45 4.55 50.24
CA GLU B 76 -7.11 3.70 49.11
C GLU B 76 -8.37 3.09 48.50
N ALA B 77 -9.24 2.53 49.34
CA ALA B 77 -10.44 1.88 48.82
C ALA B 77 -11.45 2.90 48.31
N GLU B 78 -11.62 4.03 49.01
CA GLU B 78 -12.56 5.03 48.54
C GLU B 78 -12.17 5.57 47.17
N ASN B 79 -10.87 5.62 46.87
CA ASN B 79 -10.45 5.88 45.49
C ASN B 79 -10.78 4.70 44.59
N GLN B 80 -10.59 3.48 45.08
CA GLN B 80 -10.81 2.27 44.29
C GLN B 80 -12.26 1.80 44.28
N ALA B 81 -13.06 2.18 45.27
CA ALA B 81 -14.49 1.85 45.26
C ALA B 81 -15.29 2.80 44.36
N ASN B 82 -14.71 3.93 43.98
CA ASN B 82 -15.31 4.81 43.00
C ASN B 82 -14.96 4.43 41.57
N GLN B 83 -14.07 3.45 41.39
CA GLN B 83 -13.69 3.02 40.05
C GLN B 83 -14.68 2.01 39.50
N VAL B 84 -14.79 0.84 40.13
CA VAL B 84 -15.67 -0.22 39.69
C VAL B 84 -16.61 -0.57 40.83
N SER B 85 -17.92 -0.43 40.59
CA SER B 85 -18.95 -0.92 41.49
C SER B 85 -19.65 -2.15 40.93
N LYS B 86 -20.12 -2.06 39.68
CA LYS B 86 -20.63 -3.16 38.85
C LYS B 86 -21.31 -4.29 39.63
N HIS B 87 -20.99 -5.53 39.29
CA HIS B 87 -21.72 -6.69 39.82
C HIS B 87 -20.89 -7.96 39.77
N SER B 88 -20.67 -8.49 38.57
CA SER B 88 -20.14 -9.85 38.45
C SER B 88 -18.66 -9.89 38.79
N PRO B 89 -18.18 -10.96 39.44
CA PRO B 89 -16.74 -11.07 39.68
C PRO B 89 -15.92 -11.17 38.41
N LEU B 90 -16.46 -11.83 37.38
CA LEU B 90 -15.71 -11.97 36.12
C LEU B 90 -15.68 -10.64 35.37
N THR B 91 -16.79 -9.90 35.38
CA THR B 91 -16.79 -8.56 34.80
C THR B 91 -15.87 -7.62 35.56
N LYS B 92 -15.75 -7.80 36.88
CA LYS B 92 -14.81 -7.01 37.66
C LYS B 92 -13.38 -7.25 37.22
N ARG B 93 -13.02 -8.52 37.02
CA ARG B 93 -11.64 -8.87 36.72
C ARG B 93 -11.15 -8.24 35.43
N VAL B 94 -11.98 -8.27 34.39
CA VAL B 94 -11.59 -7.70 33.10
C VAL B 94 -11.45 -6.19 33.21
N LEU B 95 -12.43 -5.53 33.85
CA LEU B 95 -12.34 -4.09 34.04
C LEU B 95 -11.21 -3.71 34.99
N ARG B 96 -10.91 -4.56 35.97
CA ARG B 96 -9.78 -4.29 36.86
C ARG B 96 -8.46 -4.35 36.10
N SER B 97 -8.31 -5.35 35.22
CA SER B 97 -7.08 -5.47 34.44
C SER B 97 -6.90 -4.28 33.51
N TYR B 98 -8.00 -3.79 32.92
CA TYR B 98 -7.93 -2.60 32.08
C TYR B 98 -7.53 -1.37 32.88
N SER B 99 -8.17 -1.17 34.04
CA SER B 99 -7.92 0.04 34.83
C SER B 99 -6.53 0.02 35.45
N ASN B 100 -6.08 -1.17 35.88
CA ASN B 100 -4.73 -1.28 36.44
C ASN B 100 -3.68 -0.94 35.40
N MET B 101 -3.89 -1.37 34.15
CA MET B 101 -2.95 -1.04 33.08
C MET B 101 -2.90 0.46 32.84
N ARG B 102 -4.06 1.12 32.83
CA ARG B 102 -4.07 2.58 32.69
C ARG B 102 -3.36 3.25 33.85
N GLU B 103 -3.59 2.76 35.07
CA GLU B 103 -2.93 3.36 36.23
C GLU B 103 -1.43 3.07 36.23
N GLN B 104 -1.04 1.88 35.79
CA GLN B 104 0.38 1.58 35.66
C GLN B 104 1.02 2.44 34.58
N THR B 105 0.39 2.49 33.40
CA THR B 105 0.96 3.19 32.26
C THR B 105 1.31 4.63 32.60
N GLN B 106 0.47 5.29 33.40
CA GLN B 106 0.73 6.65 33.84
C GLN B 106 2.11 6.80 34.47
N ASP B 107 2.55 5.80 35.24
CA ASP B 107 3.83 5.91 35.92
C ASP B 107 5.02 5.75 34.97
N LEU B 108 4.83 5.08 33.83
CA LEU B 108 5.93 4.84 32.90
C LEU B 108 6.05 5.93 31.83
N ILE B 109 5.20 6.95 31.86
CA ILE B 109 5.19 7.93 30.78
C ILE B 109 6.40 8.84 30.90
N ASP B 110 7.20 8.89 29.83
CA ASP B 110 8.37 9.76 29.73
C ASP B 110 8.02 10.85 28.71
N GLU B 111 7.65 12.03 29.22
CA GLU B 111 7.14 13.08 28.33
C GLU B 111 8.19 13.56 27.34
N VAL B 112 9.40 13.83 27.84
CA VAL B 112 10.45 14.31 26.94
C VAL B 112 10.81 13.25 25.91
N GLN B 113 10.73 11.97 26.28
CA GLN B 113 10.94 10.91 25.31
C GLN B 113 9.81 10.86 24.29
N LEU B 114 8.57 10.90 24.76
CA LEU B 114 7.44 10.81 23.84
C LEU B 114 7.37 12.04 22.93
N GLU B 115 7.62 13.23 23.48
CA GLU B 115 7.64 14.42 22.64
C GLU B 115 8.76 14.35 21.61
N ARG B 116 9.94 13.86 22.01
CA ARG B 116 11.04 13.72 21.07
C ARG B 116 10.69 12.75 19.95
N ILE B 117 10.06 11.63 20.29
CA ILE B 117 9.66 10.67 19.26
C ILE B 117 8.68 11.31 18.29
N ALA B 118 7.72 12.08 18.81
CA ALA B 118 6.79 12.79 17.94
C ALA B 118 7.53 13.70 16.97
N GLN B 119 8.63 14.32 17.43
CA GLN B 119 9.45 15.13 16.53
C GLN B 119 10.21 14.25 15.55
N LEU B 120 10.68 13.07 16.01
CA LEU B 120 11.42 12.19 15.11
C LEU B 120 10.54 11.72 13.95
N ILE B 121 9.25 11.50 14.20
CA ILE B 121 8.35 11.10 13.13
C ILE B 121 8.15 12.24 12.15
N GLU B 122 8.06 13.48 12.65
CA GLU B 122 7.84 14.64 11.78
C GLU B 122 9.03 14.86 10.85
N ASP B 123 10.24 14.80 11.39
CA ASP B 123 11.43 15.12 10.60
C ASP B 123 11.80 14.01 9.62
N ALA B 124 11.47 12.76 9.93
CA ALA B 124 11.85 11.65 9.08
C ALA B 124 11.09 11.69 7.75
N GLU B 125 11.80 11.36 6.66
CA GLU B 125 11.16 11.27 5.36
C GLU B 125 10.22 10.07 5.29
N ARG B 126 10.65 8.93 5.79
CA ARG B 126 9.86 7.70 5.80
C ARG B 126 9.86 7.10 7.19
N VAL B 127 8.73 6.53 7.59
CA VAL B 127 8.58 5.87 8.88
C VAL B 127 8.12 4.45 8.63
N TYR B 128 8.70 3.50 9.36
CA TYR B 128 8.33 2.10 9.24
C TYR B 128 7.98 1.54 10.60
N PHE B 129 6.99 0.65 10.64
CA PHE B 129 6.52 0.04 11.87
C PHE B 129 6.70 -1.47 11.76
N PHE B 130 7.46 -2.05 12.69
CA PHE B 130 7.76 -3.47 12.71
C PHE B 130 7.09 -4.13 13.90
N GLY B 131 6.36 -5.21 13.64
CA GLY B 131 5.72 -5.96 14.71
C GLY B 131 5.20 -7.27 14.18
N THR B 132 5.08 -8.24 15.08
CA THR B 132 4.62 -9.58 14.74
C THR B 132 3.49 -10.01 15.66
N GLY B 133 2.56 -10.79 15.11
CA GLY B 133 1.43 -11.25 15.89
C GLY B 133 0.57 -10.08 16.35
N SER B 134 0.32 -10.03 17.66
CA SER B 134 -0.43 -8.91 18.22
C SER B 134 0.30 -7.60 17.98
N SER B 135 1.63 -7.59 18.15
CA SER B 135 2.41 -6.39 17.87
C SER B 135 2.27 -5.96 16.41
N GLY B 136 2.05 -6.90 15.50
CA GLY B 136 1.82 -6.56 14.11
C GLY B 136 0.55 -5.75 13.92
N LEU B 137 -0.51 -6.12 14.64
CA LEU B 137 -1.73 -5.31 14.62
C LEU B 137 -1.46 -3.91 15.13
N VAL B 138 -0.63 -3.79 16.17
CA VAL B 138 -0.32 -2.48 16.72
C VAL B 138 0.43 -1.63 15.71
N ALA B 139 1.40 -2.22 15.01
CA ALA B 139 2.14 -1.49 13.98
C ALA B 139 1.21 -1.04 12.85
N ARG B 140 0.28 -1.91 12.44
CA ARG B 140 -0.67 -1.53 11.41
C ARG B 140 -1.62 -0.44 11.88
N GLU B 141 -2.00 -0.47 13.16
CA GLU B 141 -2.81 0.61 13.73
C GLU B 141 -2.07 1.94 13.69
N MET B 142 -0.77 1.93 14.01
CA MET B 142 0.01 3.16 14.01
C MET B 142 0.11 3.74 12.61
N LYS B 143 0.24 2.87 11.59
CA LYS B 143 0.30 3.34 10.22
C LYS B 143 -0.98 4.08 9.83
N LEU B 144 -2.13 3.58 10.26
CA LEU B 144 -3.40 4.22 9.91
C LEU B 144 -3.48 5.64 10.45
N ARG B 145 -3.18 5.81 11.75
CA ARG B 145 -3.38 7.11 12.39
C ARG B 145 -2.46 8.18 11.78
N PHE B 146 -1.21 7.82 11.50
CA PHE B 146 -0.24 8.81 11.05
C PHE B 146 -0.26 9.01 9.53
N MET B 147 -0.61 7.98 8.76
CA MET B 147 -0.74 8.16 7.31
C MET B 147 -1.84 9.17 6.98
N ARG B 148 -2.92 9.16 7.76
CA ARG B 148 -4.00 10.12 7.58
C ARG B 148 -3.55 11.56 7.82
N LEU B 149 -2.46 11.75 8.56
CA LEU B 149 -1.92 13.09 8.83
C LEU B 149 -0.81 13.48 7.87
N GLY B 150 -0.53 12.66 6.86
CA GLY B 150 0.45 12.99 5.86
C GLY B 150 1.80 12.30 6.00
N VAL B 151 1.96 11.41 6.98
CA VAL B 151 3.22 10.70 7.17
C VAL B 151 3.35 9.61 6.11
N VAL B 152 4.48 9.60 5.42
CA VAL B 152 4.80 8.53 4.48
C VAL B 152 5.30 7.34 5.29
N CYS B 153 4.54 6.25 5.29
CA CYS B 153 4.87 5.14 6.18
C CYS B 153 4.34 3.83 5.63
N GLU B 154 4.99 2.74 6.04
CA GLU B 154 4.56 1.38 5.74
C GLU B 154 4.71 0.53 7.00
N ALA B 155 3.84 -0.46 7.14
CA ALA B 155 3.84 -1.36 8.28
C ALA B 155 4.16 -2.78 7.81
N LEU B 156 5.09 -3.44 8.49
CA LEU B 156 5.54 -4.78 8.14
C LEU B 156 5.26 -5.73 9.30
N THR B 157 4.92 -6.97 8.98
CA THR B 157 4.47 -7.91 9.99
C THR B 157 5.11 -9.29 9.91
N ASP B 158 6.07 -9.51 9.01
CA ASP B 158 6.79 -10.78 8.97
C ASP B 158 8.27 -10.51 8.76
N GLN B 159 9.08 -11.51 9.07
CA GLN B 159 10.53 -11.37 8.95
C GLN B 159 10.94 -11.03 7.52
N ASP B 160 10.32 -11.70 6.55
CA ASP B 160 10.66 -11.45 5.14
C ASP B 160 10.42 -9.99 4.77
N GLY B 161 9.33 -9.40 5.27
CA GLY B 161 9.09 -7.99 5.02
C GLY B 161 10.12 -7.10 5.70
N PHE B 162 10.57 -7.50 6.90
CA PHE B 162 11.55 -6.70 7.63
C PHE B 162 12.87 -6.61 6.87
N ALA B 163 13.36 -7.75 6.38
CA ALA B 163 14.67 -7.77 5.73
C ALA B 163 14.68 -6.95 4.45
N TRP B 164 13.61 -7.05 3.65
CA TRP B 164 13.52 -6.24 2.43
C TRP B 164 13.44 -4.76 2.76
N THR B 165 12.65 -4.41 3.78
CA THR B 165 12.51 -3.00 4.16
C THR B 165 13.82 -2.43 4.70
N THR B 166 14.61 -3.24 5.40
CA THR B 166 15.88 -2.75 5.94
C THR B 166 16.87 -2.41 4.83
N SER B 167 16.78 -3.10 3.68
CA SER B 167 17.74 -2.90 2.61
C SER B 167 17.54 -1.59 1.86
N ILE B 168 16.43 -0.88 2.09
CA ILE B 168 16.13 0.33 1.34
C ILE B 168 16.06 1.54 2.27
N MET B 169 16.86 1.53 3.33
CA MET B 169 16.77 2.56 4.36
C MET B 169 18.01 3.46 4.39
N ASP B 170 17.79 4.68 4.84
CA ASP B 170 18.86 5.64 5.13
C ASP B 170 18.59 6.15 6.55
N GLU B 171 19.19 7.28 6.91
CA GLU B 171 18.88 7.89 8.21
C GLU B 171 17.77 8.92 8.12
N ASN B 172 17.27 9.24 6.92
CA ASN B 172 16.00 9.94 6.88
C ASN B 172 14.83 9.02 7.17
N CYS B 173 15.10 7.77 7.51
CA CYS B 173 14.09 6.80 7.88
C CYS B 173 14.00 6.69 9.40
N LEU B 174 12.82 6.30 9.87
CA LEU B 174 12.57 6.03 11.28
C LEU B 174 11.80 4.72 11.39
N VAL B 175 12.24 3.84 12.27
CA VAL B 175 11.62 2.53 12.45
C VAL B 175 11.21 2.39 13.90
N LEU B 176 9.96 1.98 14.12
CA LEU B 176 9.44 1.68 15.46
C LEU B 176 9.11 0.20 15.52
N GLY B 177 9.84 -0.53 16.35
CA GLY B 177 9.62 -1.96 16.52
C GLY B 177 8.83 -2.24 17.79
N PHE B 178 7.94 -3.22 17.70
CA PHE B 178 7.06 -3.59 18.81
C PHE B 178 7.34 -5.02 19.22
N SER B 179 7.74 -5.22 20.47
CA SER B 179 8.00 -6.54 21.03
C SER B 179 7.53 -6.51 22.48
N LEU B 180 6.35 -7.10 22.73
CA LEU B 180 5.80 -7.11 24.08
C LEU B 180 6.72 -7.84 25.05
N SER B 181 7.24 -9.00 24.64
CA SER B 181 8.18 -9.73 25.49
C SER B 181 9.52 -9.01 25.58
N GLY B 182 9.86 -8.19 24.58
CA GLY B 182 11.13 -7.50 24.54
C GLY B 182 12.28 -8.33 24.03
N SER B 183 12.05 -9.61 23.71
CA SER B 183 13.10 -10.52 23.26
C SER B 183 12.74 -11.21 21.95
N THR B 184 11.83 -10.64 21.17
CA THR B 184 11.45 -11.25 19.90
C THR B 184 12.64 -11.23 18.95
N PRO B 185 13.08 -12.39 18.44
CA PRO B 185 14.28 -12.40 17.59
C PRO B 185 14.15 -11.55 16.34
N SER B 186 12.97 -11.55 15.71
CA SER B 186 12.79 -10.81 14.48
C SER B 186 12.88 -9.30 14.69
N ILE B 187 12.31 -8.80 15.80
CA ILE B 187 12.22 -7.36 15.99
C ILE B 187 13.58 -6.76 16.30
N LEU B 188 14.25 -7.29 17.32
CA LEU B 188 15.53 -6.72 17.75
C LEU B 188 16.57 -6.79 16.64
N ASP B 189 16.65 -7.92 15.92
CA ASP B 189 17.62 -8.06 14.84
C ASP B 189 17.32 -7.08 13.71
N SER B 190 16.08 -7.09 13.20
CA SER B 190 15.71 -6.18 12.12
C SER B 190 15.86 -4.73 12.53
N LEU B 191 15.66 -4.43 13.82
CA LEU B 191 15.90 -3.08 14.30
C LEU B 191 17.38 -2.73 14.23
N LEU B 192 18.26 -3.67 14.57
CA LEU B 192 19.69 -3.43 14.45
C LEU B 192 20.10 -3.24 12.99
N ASP B 193 19.55 -4.05 12.09
CA ASP B 193 19.86 -3.90 10.67
C ASP B 193 19.48 -2.52 10.16
N ALA B 194 18.37 -1.98 10.68
CA ALA B 194 17.97 -0.62 10.32
C ALA B 194 19.00 0.40 10.81
N LYS B 195 19.51 0.21 12.04
CA LYS B 195 20.51 1.14 12.56
C LYS B 195 21.81 1.05 11.78
N GLU B 196 22.18 -0.16 11.33
CA GLU B 196 23.36 -0.29 10.47
C GLU B 196 23.19 0.46 9.16
N MET B 197 21.94 0.63 8.71
CA MET B 197 21.65 1.41 7.51
C MET B 197 21.57 2.90 7.80
N GLY B 198 21.75 3.32 9.05
CA GLY B 198 21.70 4.71 9.44
C GLY B 198 20.40 5.14 10.07
N ALA B 199 19.32 4.38 9.88
CA ALA B 199 18.01 4.81 10.35
C ALA B 199 17.98 4.91 11.86
N LYS B 200 17.24 5.90 12.35
CA LYS B 200 16.96 5.99 13.78
C LYS B 200 15.97 4.88 14.18
N THR B 201 16.18 4.33 15.37
CA THR B 201 15.45 3.14 15.81
C THR B 201 14.76 3.41 17.14
N VAL B 202 13.49 3.03 17.23
CA VAL B 202 12.71 3.13 18.46
C VAL B 202 12.11 1.75 18.74
N LEU B 203 12.22 1.30 19.99
CA LEU B 203 11.72 0.00 20.40
C LEU B 203 10.70 0.18 21.51
N PHE B 204 9.56 -0.52 21.39
CA PHE B 204 8.52 -0.54 22.40
C PHE B 204 8.51 -1.91 23.06
N SER B 205 8.65 -1.93 24.38
CA SER B 205 8.67 -3.18 25.13
C SER B 205 8.25 -2.92 26.56
N SER B 206 7.92 -4.00 27.26
CA SER B 206 7.62 -3.92 28.69
C SER B 206 8.79 -4.37 29.55
N VAL B 207 9.87 -4.89 28.94
CA VAL B 207 11.08 -5.29 29.64
C VAL B 207 12.23 -4.46 29.09
N PRO B 208 13.06 -3.85 29.95
CA PRO B 208 14.25 -3.13 29.46
C PRO B 208 15.28 -4.08 28.87
N ASN B 209 15.68 -3.84 27.61
CA ASN B 209 16.57 -4.78 26.90
C ASN B 209 18.01 -4.59 27.37
N LYS B 210 18.25 -5.02 28.62
CA LYS B 210 19.56 -4.88 29.28
C LYS B 210 20.02 -3.42 29.27
N ASP B 211 19.03 -2.50 29.23
CA ASP B 211 19.26 -1.05 29.08
C ASP B 211 20.32 -0.76 28.03
N SER B 212 20.28 -1.48 26.90
CA SER B 212 21.24 -1.28 25.83
C SER B 212 20.76 -0.12 24.96
N GLN B 213 21.52 0.97 24.96
CA GLN B 213 21.11 2.18 24.25
C GLN B 213 21.48 2.09 22.77
N ALA B 214 21.39 0.89 22.20
CA ALA B 214 21.62 0.74 20.77
C ALA B 214 20.57 1.51 19.98
N TYR B 215 19.31 1.38 20.38
CA TYR B 215 18.23 2.09 19.72
C TYR B 215 18.21 3.55 20.17
N THR B 216 17.74 4.42 19.27
CA THR B 216 17.70 5.85 19.56
C THR B 216 16.90 6.11 20.84
N GLU B 217 15.75 5.46 20.97
CA GLU B 217 14.94 5.51 22.18
C GLU B 217 14.28 4.15 22.38
N THR B 218 14.17 3.73 23.64
CA THR B 218 13.47 2.51 24.01
C THR B 218 12.33 2.89 24.94
N VAL B 219 11.09 2.65 24.49
CA VAL B 219 9.91 3.02 25.25
C VAL B 219 9.48 1.81 26.08
N LEU B 220 9.40 2.01 27.40
CA LEU B 220 8.97 0.96 28.31
C LEU B 220 7.46 1.06 28.49
N VAL B 221 6.75 0.02 28.09
CA VAL B 221 5.30 0.00 28.14
C VAL B 221 4.86 -0.83 29.34
N ALA B 222 3.57 -0.72 29.68
CA ALA B 222 3.04 -1.41 30.85
C ALA B 222 2.97 -2.92 30.61
N THR B 223 2.87 -3.66 31.70
CA THR B 223 2.69 -5.11 31.66
C THR B 223 1.28 -5.47 32.11
N HIS B 224 0.84 -6.65 31.70
CA HIS B 224 -0.53 -7.08 31.98
C HIS B 224 -0.70 -7.42 33.46
N SER B 225 -1.87 -7.04 34.00
CA SER B 225 -2.13 -7.24 35.43
C SER B 225 -2.26 -8.71 35.77
N GLN B 226 -2.88 -9.50 34.91
CA GLN B 226 -3.07 -10.92 35.19
C GLN B 226 -1.74 -11.66 35.11
N PRO B 227 -1.48 -12.60 36.04
CA PRO B 227 -0.26 -13.40 35.95
C PRO B 227 -0.40 -14.60 35.02
N SER B 228 -1.56 -15.24 35.04
CA SER B 228 -1.82 -16.39 34.17
C SER B 228 -2.02 -15.93 32.73
N TYR B 229 -1.43 -16.66 31.78
CA TYR B 229 -1.41 -16.20 30.39
C TYR B 229 -2.80 -16.11 29.79
N ILE B 230 -3.66 -17.08 30.10
CA ILE B 230 -4.95 -17.19 29.42
C ILE B 230 -5.84 -16.00 29.74
N GLN B 231 -5.84 -15.56 31.00
CA GLN B 231 -6.78 -14.57 31.49
C GLN B 231 -6.29 -13.14 31.32
N ARG B 232 -5.14 -12.95 30.68
CA ARG B 232 -4.66 -11.62 30.36
C ARG B 232 -5.51 -10.97 29.28
N ILE B 233 -5.65 -9.66 29.38
CA ILE B 233 -6.41 -8.90 28.40
C ILE B 233 -5.61 -8.80 27.11
N SER B 234 -6.12 -8.05 26.13
CA SER B 234 -5.53 -8.07 24.80
C SER B 234 -4.14 -7.48 24.83
N ALA B 235 -3.24 -8.08 24.03
CA ALA B 235 -1.83 -7.73 24.05
C ALA B 235 -1.52 -6.40 23.36
N GLN B 236 -2.47 -5.84 22.61
CA GLN B 236 -2.25 -4.54 21.99
C GLN B 236 -2.25 -3.41 23.00
N LEU B 237 -2.84 -3.62 24.17
CA LEU B 237 -3.16 -2.52 25.08
C LEU B 237 -1.93 -1.76 25.56
N PRO B 238 -0.87 -2.39 26.06
CA PRO B 238 0.30 -1.60 26.51
C PRO B 238 0.87 -0.70 25.42
N MET B 239 0.88 -1.18 24.18
CA MET B 239 1.39 -0.36 23.08
C MET B 239 0.40 0.71 22.68
N LEU B 240 -0.91 0.41 22.77
CA LEU B 240 -1.93 1.37 22.34
C LEU B 240 -1.93 2.63 23.19
N PHE B 241 -1.59 2.51 24.48
CA PHE B 241 -1.55 3.68 25.34
C PHE B 241 -0.55 4.71 24.82
N PHE B 242 0.65 4.26 24.48
CA PHE B 242 1.71 5.19 24.06
C PHE B 242 1.49 5.69 22.64
N ILE B 243 0.81 4.92 21.81
CA ILE B 243 0.53 5.37 20.44
C ILE B 243 -0.32 6.63 20.46
N ASP B 244 -1.42 6.61 21.23
CA ASP B 244 -2.26 7.80 21.34
C ASP B 244 -1.50 8.94 22.01
N LEU B 245 -0.61 8.62 22.95
CA LEU B 245 0.20 9.65 23.59
C LEU B 245 1.16 10.30 22.59
N ILE B 246 1.88 9.48 21.83
CA ILE B 246 2.76 10.02 20.79
C ILE B 246 1.93 10.72 19.71
N TYR B 247 0.75 10.17 19.41
CA TYR B 247 -0.13 10.77 18.41
C TYR B 247 -0.58 12.16 18.84
N ALA B 248 -0.89 12.33 20.14
CA ALA B 248 -1.33 13.63 20.63
C ALA B 248 -0.23 14.68 20.48
N TYR B 249 1.00 14.33 20.84
CA TYR B 249 2.11 15.28 20.68
C TYR B 249 2.42 15.52 19.21
N PHE B 250 2.38 14.47 18.39
CA PHE B 250 2.67 14.64 16.97
C PHE B 250 1.63 15.52 16.29
N LEU B 251 0.36 15.39 16.71
CA LEU B 251 -0.70 16.17 16.08
C LEU B 251 -0.49 17.67 16.28
N GLU B 252 0.09 18.07 17.40
CA GLU B 252 0.27 19.50 17.68
C GLU B 252 1.46 20.11 16.94
N ILE B 253 2.27 19.30 16.27
CA ILE B 253 3.39 19.81 15.47
C ILE B 253 2.83 20.19 14.10
N ASN B 254 2.83 21.48 13.80
CA ASN B 254 2.23 22.02 12.57
C ASN B 254 0.79 21.49 12.40
N ARG B 255 -0.02 21.75 13.43
CA ARG B 255 -1.35 21.17 13.50
C ARG B 255 -2.24 21.64 12.36
N GLU B 256 -2.15 22.93 12.02
CA GLU B 256 -3.07 23.49 11.02
C GLU B 256 -2.90 22.82 9.67
N SER B 257 -1.65 22.58 9.25
CA SER B 257 -1.42 21.87 8.00
C SER B 257 -1.92 20.43 8.06
N LYS B 258 -1.72 19.76 9.20
CA LYS B 258 -2.09 18.36 9.31
C LYS B 258 -3.61 18.18 9.34
N GLU B 259 -4.33 19.11 9.96
CA GLU B 259 -5.78 19.03 9.94
C GLU B 259 -6.33 19.19 8.52
N LYS B 260 -5.68 20.03 7.71
CA LYS B 260 -6.03 20.10 6.30
C LYS B 260 -5.83 18.74 5.62
N ILE B 261 -4.71 18.08 5.93
CA ILE B 261 -4.46 16.75 5.38
C ILE B 261 -5.49 15.75 5.88
N PHE B 262 -5.78 15.78 7.18
CA PHE B 262 -6.70 14.81 7.77
C PHE B 262 -8.09 14.91 7.17
N ASN B 263 -8.59 16.14 6.99
CA ASN B 263 -9.89 16.33 6.35
C ASN B 263 -9.84 15.93 4.88
N SER B 264 -8.68 16.09 4.23
CA SER B 264 -8.53 15.65 2.85
C SER B 264 -8.62 14.14 2.72
N TYR B 265 -8.13 13.41 3.73
CA TYR B 265 -8.20 11.95 3.68
C TYR B 265 -9.65 11.47 3.71
N TRP B 266 -10.45 12.01 4.62
CA TRP B 266 -11.84 11.56 4.72
C TRP B 266 -12.69 12.09 3.56
N GLU B 267 -12.30 13.23 2.98
CA GLU B 267 -13.02 13.74 1.82
C GLU B 267 -12.87 12.80 0.62
N ASN B 268 -11.65 12.35 0.35
CA ASN B 268 -11.41 11.47 -0.80
C ASN B 268 -11.87 10.04 -0.57
N LYS B 269 -12.00 9.62 0.69
CA LYS B 269 -12.42 8.25 1.01
C LYS B 269 -13.93 8.20 1.26
N LYS B 270 -14.68 8.69 0.28
CA LYS B 270 -16.14 8.65 0.32
C LYS B 270 -16.73 7.93 -0.89
N LEU B 271 -15.90 7.14 -1.59
CA LEU B 271 -16.31 6.55 -2.86
C LEU B 271 -17.61 5.77 -2.75
N ASN B 272 -17.85 5.11 -1.62
CA ASN B 272 -19.09 4.37 -1.40
C ASN B 272 -20.29 5.31 -1.39
N PRO C 4 -11.42 15.93 43.76
CA PRO C 4 -11.33 17.33 44.20
C PRO C 4 -10.08 17.59 45.03
N ASP C 5 -9.32 18.63 44.66
CA ASP C 5 -8.12 18.98 45.41
C ASP C 5 -8.50 19.58 46.76
N ILE C 6 -7.51 19.61 47.66
CA ILE C 6 -7.76 20.11 49.01
C ILE C 6 -8.12 21.59 48.98
N ALA C 7 -7.61 22.34 48.00
CA ALA C 7 -7.90 23.77 47.95
C ALA C 7 -9.38 24.04 47.71
N THR C 8 -10.01 23.29 46.81
CA THR C 8 -11.39 23.60 46.43
C THR C 8 -12.39 23.19 47.51
N VAL C 9 -12.13 22.10 48.22
CA VAL C 9 -13.10 21.66 49.24
C VAL C 9 -13.18 22.67 50.37
N ILE C 10 -12.07 23.31 50.73
CA ILE C 10 -12.14 24.39 51.71
C ILE C 10 -12.87 25.60 51.12
N ASP C 11 -12.66 25.86 49.83
CA ASP C 11 -13.34 26.99 49.19
C ASP C 11 -14.82 26.69 48.95
N SER C 12 -15.14 25.48 48.48
CA SER C 12 -16.54 25.12 48.31
C SER C 12 -17.26 25.09 49.65
N HIS C 13 -16.59 24.63 50.70
CA HIS C 13 -17.09 24.75 52.06
C HIS C 13 -16.46 25.97 52.72
N PHE C 14 -16.88 27.15 52.29
CA PHE C 14 -16.40 28.40 52.87
C PHE C 14 -17.54 29.20 53.49
N GLU C 15 -18.54 29.59 52.71
CA GLU C 15 -19.59 30.46 53.22
C GLU C 15 -20.43 29.81 54.31
N GLU C 16 -20.37 28.49 54.43
CA GLU C 16 -21.14 27.75 55.43
C GLU C 16 -20.45 27.68 56.78
N MET C 17 -19.23 28.21 56.89
CA MET C 17 -18.45 28.17 58.12
C MET C 17 -18.68 29.43 58.95
N THR C 18 -18.47 29.31 60.25
CA THR C 18 -18.63 30.45 61.14
C THR C 18 -17.49 31.44 60.94
N ASP C 19 -17.63 32.60 61.59
CA ASP C 19 -16.71 33.71 61.34
C ASP C 19 -15.27 33.34 61.71
N LEU C 20 -15.09 32.74 62.89
CA LEU C 20 -13.75 32.37 63.33
C LEU C 20 -13.14 31.30 62.44
N GLU C 21 -13.94 30.33 62.02
CA GLU C 21 -13.45 29.26 61.18
C GLU C 21 -13.00 29.77 59.81
N GLN C 22 -13.69 30.79 59.28
CA GLN C 22 -13.30 31.36 58.00
C GLN C 22 -11.85 31.84 58.02
N GLU C 23 -11.41 32.39 59.16
CA GLU C 23 -10.01 32.77 59.30
C GLU C 23 -9.12 31.54 59.39
N ILE C 24 -9.60 30.47 60.02
CA ILE C 24 -8.86 29.22 60.07
C ILE C 24 -8.63 28.68 58.67
N ALA C 25 -9.66 28.73 57.83
CA ALA C 25 -9.54 28.25 56.46
C ALA C 25 -8.45 29.01 55.72
N ARG C 26 -8.48 30.35 55.77
CA ARG C 26 -7.56 31.15 54.98
C ARG C 26 -6.10 30.83 55.32
N TYR C 27 -5.83 30.44 56.56
CA TYR C 27 -4.47 30.01 56.91
C TYR C 27 -4.10 28.74 56.14
N PHE C 28 -5.01 27.77 56.07
CA PHE C 28 -4.72 26.54 55.36
C PHE C 28 -4.76 26.72 53.84
N LEU C 29 -5.48 27.73 53.34
CA LEU C 29 -5.46 28.04 51.92
C LEU C 29 -4.14 28.68 51.48
N GLN C 30 -3.31 29.13 52.43
CA GLN C 30 -2.01 29.68 52.09
C GLN C 30 -1.07 28.58 51.59
N ALA C 31 -0.25 28.92 50.58
CA ALA C 31 0.70 27.95 50.05
C ALA C 31 1.84 27.71 51.03
N GLU C 32 2.26 28.74 51.76
CA GLU C 32 3.36 28.62 52.71
C GLU C 32 2.97 27.83 53.96
N THR C 33 1.67 27.57 54.17
CA THR C 33 1.22 26.87 55.36
C THR C 33 1.80 25.46 55.45
N ILE C 34 2.01 24.81 54.30
CA ILE C 34 2.41 23.40 54.30
C ILE C 34 3.76 23.20 54.99
N GLN C 35 4.64 24.20 54.94
CA GLN C 35 5.96 24.06 55.53
C GLN C 35 5.99 24.35 57.02
N ASP C 36 4.84 24.67 57.60
CA ASP C 36 4.72 25.02 59.01
C ASP C 36 4.44 23.77 59.85
N ASP C 37 4.55 23.93 61.17
CA ASP C 37 4.11 22.88 62.09
C ASP C 37 2.59 22.90 62.14
N LEU C 38 1.97 21.83 61.64
CA LEU C 38 0.52 21.80 61.48
C LEU C 38 -0.17 20.96 62.56
N SER C 39 0.51 20.70 63.67
CA SER C 39 -0.15 20.06 64.80
C SER C 39 -1.20 20.97 65.37
N SER C 40 -2.16 20.38 66.09
CA SER C 40 -3.22 21.18 66.69
C SER C 40 -2.67 22.18 67.69
N GLN C 41 -1.67 21.77 68.47
CA GLN C 41 -1.12 22.65 69.50
C GLN C 41 -0.49 23.89 68.89
N GLN C 42 0.31 23.71 67.83
CA GLN C 42 1.03 24.85 67.26
C GLN C 42 0.10 25.76 66.48
N VAL C 43 -0.77 25.20 65.65
CA VAL C 43 -1.74 26.02 64.92
C VAL C 43 -2.67 26.73 65.88
N THR C 44 -2.96 26.11 67.02
CA THR C 44 -3.73 26.78 68.07
C THR C 44 -3.01 28.04 68.55
N GLN C 45 -1.70 27.95 68.78
CA GLN C 45 -0.92 29.12 69.17
C GLN C 45 -0.78 30.11 68.02
N LYS C 46 -0.55 29.61 66.81
CA LYS C 46 -0.31 30.50 65.68
C LYS C 46 -1.54 31.34 65.36
N LEU C 47 -2.71 30.72 65.32
CA LEU C 47 -3.95 31.42 65.01
C LEU C 47 -4.67 31.93 66.26
N HIS C 48 -4.10 31.70 67.45
CA HIS C 48 -4.72 32.09 68.72
C HIS C 48 -6.15 31.58 68.78
N ILE C 49 -6.26 30.25 68.76
CA ILE C 49 -7.51 29.53 68.57
C ILE C 49 -7.63 28.48 69.67
N SER C 50 -8.79 27.82 69.71
CA SER C 50 -8.94 26.67 70.58
C SER C 50 -8.81 25.38 69.77
N GLN C 51 -8.25 24.35 70.41
CA GLN C 51 -8.08 23.07 69.71
C GLN C 51 -9.41 22.52 69.25
N ALA C 52 -10.50 22.83 69.99
CA ALA C 52 -11.82 22.41 69.58
C ALA C 52 -12.23 23.06 68.26
N ALA C 53 -11.83 24.33 68.05
CA ALA C 53 -12.22 25.04 66.85
C ALA C 53 -11.70 24.37 65.59
N LEU C 54 -10.47 23.84 65.65
CA LEU C 54 -9.93 23.12 64.50
C LEU C 54 -10.78 21.90 64.16
N THR C 55 -11.26 21.20 65.18
CA THR C 55 -12.11 20.04 64.96
C THR C 55 -13.41 20.44 64.26
N ARG C 56 -14.06 21.49 64.76
CA ARG C 56 -15.32 21.93 64.16
C ARG C 56 -15.12 22.42 62.73
N PHE C 57 -14.03 23.13 62.48
CA PHE C 57 -13.72 23.57 61.12
C PHE C 57 -13.53 22.38 60.18
N ALA C 58 -12.78 21.36 60.64
CA ALA C 58 -12.55 20.19 59.80
C ALA C 58 -13.85 19.44 59.53
N LYS C 59 -14.73 19.36 60.51
CA LYS C 59 -16.01 18.69 60.31
C LYS C 59 -16.87 19.43 59.29
N LYS C 60 -16.88 20.77 59.35
CA LYS C 60 -17.65 21.53 58.37
C LYS C 60 -17.07 21.40 56.96
N CYS C 61 -15.83 20.95 56.83
CA CYS C 61 -15.26 20.62 55.53
C CYS C 61 -15.61 19.21 55.07
N GLY C 62 -16.33 18.45 55.89
CA GLY C 62 -16.70 17.09 55.54
C GLY C 62 -15.78 16.02 56.05
N PHE C 63 -15.11 16.26 57.18
CA PHE C 63 -14.15 15.32 57.75
C PHE C 63 -14.61 14.89 59.13
N THR C 64 -14.02 13.81 59.63
CA THR C 64 -14.34 13.33 60.97
C THR C 64 -13.74 14.21 62.06
N GLY C 65 -12.69 14.96 61.74
CA GLY C 65 -12.03 15.79 62.73
C GLY C 65 -10.79 16.41 62.13
N TYR C 66 -10.07 17.15 62.99
CA TYR C 66 -8.85 17.80 62.52
C TYR C 66 -7.78 16.80 62.14
N ARG C 67 -7.75 15.64 62.80
CA ARG C 67 -6.73 14.64 62.48
C ARG C 67 -6.88 14.14 61.05
N GLU C 68 -8.12 13.87 60.61
CA GLU C 68 -8.32 13.44 59.22
C GLU C 68 -8.07 14.57 58.24
N PHE C 69 -8.29 15.82 58.65
CA PHE C 69 -8.06 16.94 57.74
C PHE C 69 -6.59 17.07 57.37
N ILE C 70 -5.70 17.11 58.37
CA ILE C 70 -4.27 17.16 58.07
C ILE C 70 -3.79 15.84 57.46
N PHE C 71 -4.51 14.75 57.72
CA PHE C 71 -4.22 13.50 57.02
C PHE C 71 -4.34 13.70 55.51
N GLN C 72 -5.49 14.19 55.06
CA GLN C 72 -5.69 14.43 53.63
C GLN C 72 -4.86 15.62 53.17
N TYR C 73 -4.70 16.64 54.02
CA TYR C 73 -3.95 17.83 53.65
C TYR C 73 -2.49 17.50 53.38
N GLN C 74 -1.83 16.79 54.31
CA GLN C 74 -0.42 16.48 54.14
C GLN C 74 -0.19 15.45 53.04
N HIS C 75 -1.11 14.51 52.87
CA HIS C 75 -0.97 13.51 51.82
C HIS C 75 -0.96 14.15 50.44
N GLU C 76 -1.87 15.10 50.20
CA GLU C 76 -1.93 15.76 48.89
C GLU C 76 -0.66 16.54 48.59
N ALA C 77 -0.08 17.20 49.60
CA ALA C 77 1.19 17.89 49.40
C ALA C 77 2.29 16.90 49.07
N GLU C 78 2.36 15.79 49.82
CA GLU C 78 3.28 14.72 49.46
C GLU C 78 2.89 14.07 48.15
N ASN C 79 1.59 14.00 47.85
CA ASN C 79 1.16 13.48 46.55
C ASN C 79 1.66 14.37 45.41
N GLN C 80 1.89 15.64 45.67
CA GLN C 80 2.38 16.56 44.65
C GLN C 80 3.86 16.89 44.78
N ALA C 81 4.50 16.50 45.89
CA ALA C 81 5.91 16.80 46.06
C ALA C 81 6.79 15.80 45.33
N ASN C 82 6.62 14.50 45.60
CA ASN C 82 7.44 13.52 44.89
C ASN C 82 6.94 13.23 43.49
N GLN C 83 5.69 13.62 43.19
CA GLN C 83 5.14 13.49 41.85
C GLN C 83 5.35 14.82 41.13
N VAL C 84 6.63 15.10 40.84
CA VAL C 84 6.96 16.09 39.83
C VAL C 84 6.55 15.62 38.45
N SER C 85 6.15 14.34 38.30
CA SER C 85 5.50 13.90 37.07
C SER C 85 4.10 14.49 36.96
N LYS C 86 4.00 15.82 36.97
CA LYS C 86 2.70 16.49 36.83
C LYS C 86 2.07 16.20 35.47
N HIS C 87 2.90 15.88 34.47
CA HIS C 87 2.49 15.63 33.09
C HIS C 87 1.98 16.90 32.44
N SER C 88 1.90 16.91 31.11
CA SER C 88 1.44 18.05 30.34
C SER C 88 -0.07 17.98 30.14
N PRO C 89 -0.70 19.10 29.77
CA PRO C 89 -2.14 19.04 29.46
C PRO C 89 -2.48 18.05 28.36
N LEU C 90 -1.58 17.85 27.40
CA LEU C 90 -1.82 16.85 26.36
C LEU C 90 -1.88 15.45 26.95
N THR C 91 -0.95 15.12 27.84
CA THR C 91 -0.91 13.79 28.42
C THR C 91 -2.13 13.52 29.29
N LYS C 92 -2.58 14.52 30.05
CA LYS C 92 -3.76 14.34 30.89
C LYS C 92 -5.00 14.08 30.04
N ARG C 93 -5.12 14.77 28.91
CA ARG C 93 -6.30 14.60 28.05
C ARG C 93 -6.37 13.18 27.49
N VAL C 94 -5.23 12.61 27.09
CA VAL C 94 -5.23 11.26 26.53
C VAL C 94 -5.58 10.23 27.61
N LEU C 95 -4.97 10.36 28.80
CA LEU C 95 -5.26 9.42 29.87
C LEU C 95 -6.72 9.51 30.31
N ARG C 96 -7.27 10.74 30.35
CA ARG C 96 -8.65 10.92 30.76
C ARG C 96 -9.61 10.28 29.76
N SER C 97 -9.32 10.40 28.46
CA SER C 97 -10.17 9.77 27.44
C SER C 97 -10.18 8.25 27.59
N TYR C 98 -9.05 7.66 27.99
CA TYR C 98 -9.02 6.22 28.25
C TYR C 98 -9.85 5.88 29.48
N SER C 99 -9.69 6.64 30.56
CA SER C 99 -10.42 6.33 31.79
C SER C 99 -11.91 6.64 31.64
N ASN C 100 -12.25 7.70 30.92
CA ASN C 100 -13.65 8.01 30.66
C ASN C 100 -14.32 6.91 29.85
N MET C 101 -13.63 6.39 28.84
CA MET C 101 -14.19 5.30 28.05
C MET C 101 -14.42 4.05 28.90
N ARG C 102 -13.48 3.74 29.79
CA ARG C 102 -13.64 2.60 30.69
C ARG C 102 -14.83 2.80 31.61
N GLU C 103 -14.94 3.99 32.21
CA GLU C 103 -16.07 4.29 33.08
C GLU C 103 -17.38 4.28 32.31
N GLN C 104 -17.37 4.83 31.09
CA GLN C 104 -18.57 4.77 30.26
C GLN C 104 -18.92 3.33 29.89
N THR C 105 -17.94 2.60 29.36
CA THR C 105 -18.17 1.22 28.93
C THR C 105 -18.82 0.39 30.04
N GLN C 106 -18.40 0.64 31.28
CA GLN C 106 -18.97 -0.07 32.42
C GLN C 106 -20.48 0.11 32.50
N ASP C 107 -20.99 1.30 32.15
CA ASP C 107 -22.42 1.52 32.16
C ASP C 107 -23.15 0.84 31.00
N LEU C 108 -22.45 0.53 29.91
CA LEU C 108 -23.08 -0.13 28.77
C LEU C 108 -23.01 -1.65 28.84
N ILE C 109 -22.42 -2.20 29.90
CA ILE C 109 -22.21 -3.64 29.98
C ILE C 109 -23.52 -4.33 30.31
N ASP C 110 -23.96 -5.21 29.40
CA ASP C 110 -25.09 -6.10 29.64
C ASP C 110 -24.51 -7.50 29.76
N GLU C 111 -24.30 -7.96 30.99
CA GLU C 111 -23.61 -9.22 31.23
C GLU C 111 -24.36 -10.40 30.63
N VAL C 112 -25.69 -10.39 30.71
CA VAL C 112 -26.47 -11.52 30.20
C VAL C 112 -26.32 -11.62 28.68
N GLN C 113 -26.17 -10.48 27.99
CA GLN C 113 -25.88 -10.51 26.57
C GLN C 113 -24.51 -11.11 26.30
N LEU C 114 -23.51 -10.73 27.10
CA LEU C 114 -22.15 -11.23 26.90
C LEU C 114 -22.08 -12.73 27.13
N GLU C 115 -22.72 -13.22 28.20
CA GLU C 115 -22.77 -14.67 28.43
C GLU C 115 -23.53 -15.37 27.31
N ARG C 116 -24.63 -14.77 26.84
CA ARG C 116 -25.37 -15.36 25.74
C ARG C 116 -24.54 -15.40 24.46
N ILE C 117 -23.82 -14.31 24.17
CA ILE C 117 -22.95 -14.29 23.00
C ILE C 117 -21.85 -15.32 23.14
N ALA C 118 -21.26 -15.43 24.33
CA ALA C 118 -20.22 -16.43 24.56
C ALA C 118 -20.72 -17.84 24.28
N GLN C 119 -22.00 -18.10 24.52
CA GLN C 119 -22.57 -19.40 24.16
C GLN C 119 -22.69 -19.55 22.65
N LEU C 120 -23.01 -18.45 21.95
CA LEU C 120 -23.10 -18.52 20.49
C LEU C 120 -21.76 -18.92 19.88
N ILE C 121 -20.66 -18.39 20.41
CA ILE C 121 -19.34 -18.74 19.90
C ILE C 121 -19.07 -20.23 20.08
N GLU C 122 -19.35 -20.75 21.28
CA GLU C 122 -19.08 -22.15 21.57
C GLU C 122 -19.96 -23.07 20.74
N ASP C 123 -21.26 -22.75 20.65
CA ASP C 123 -22.19 -23.63 19.94
C ASP C 123 -22.02 -23.56 18.42
N ALA C 124 -21.46 -22.47 17.90
CA ALA C 124 -21.31 -22.34 16.46
C ALA C 124 -20.26 -23.30 15.92
N GLU C 125 -20.56 -23.90 14.76
CA GLU C 125 -19.57 -24.73 14.09
C GLU C 125 -18.49 -23.87 13.43
N ARG C 126 -18.88 -22.77 12.80
CA ARG C 126 -17.97 -21.88 12.10
C ARG C 126 -18.23 -20.45 12.55
N VAL C 127 -17.16 -19.70 12.79
CA VAL C 127 -17.22 -18.35 13.33
C VAL C 127 -16.47 -17.42 12.39
N TYR C 128 -17.02 -16.23 12.16
CA TYR C 128 -16.41 -15.23 11.30
C TYR C 128 -16.44 -13.86 11.95
N PHE C 129 -15.40 -13.08 11.69
CA PHE C 129 -15.28 -11.72 12.21
C PHE C 129 -15.16 -10.75 11.04
N PHE C 130 -16.06 -9.78 10.99
CA PHE C 130 -16.08 -8.79 9.92
C PHE C 130 -15.68 -7.42 10.47
N GLY C 131 -14.76 -6.75 9.79
CA GLY C 131 -14.34 -5.43 10.21
C GLY C 131 -13.65 -4.70 9.07
N THR C 132 -13.65 -3.37 9.17
CA THR C 132 -13.03 -2.52 8.17
C THR C 132 -12.15 -1.47 8.85
N GLY C 133 -11.05 -1.13 8.21
CA GLY C 133 -10.12 -0.16 8.80
C GLY C 133 -9.63 -0.65 10.14
N SER C 134 -9.69 0.24 11.14
CA SER C 134 -9.34 -0.17 12.50
C SER C 134 -10.15 -1.36 12.95
N SER C 135 -11.46 -1.36 12.65
CA SER C 135 -12.31 -2.50 12.99
C SER C 135 -11.83 -3.78 12.33
N GLY C 136 -11.17 -3.67 11.18
CA GLY C 136 -10.56 -4.85 10.58
C GLY C 136 -9.43 -5.41 11.41
N LEU C 137 -8.60 -4.53 11.98
CA LEU C 137 -7.57 -4.98 12.91
C LEU C 137 -8.19 -5.61 14.15
N VAL C 138 -9.31 -5.08 14.61
CA VAL C 138 -10.00 -5.64 15.76
C VAL C 138 -10.45 -7.07 15.48
N ALA C 139 -10.94 -7.31 14.25
CA ALA C 139 -11.38 -8.65 13.88
C ALA C 139 -10.21 -9.64 13.88
N ARG C 140 -9.05 -9.21 13.39
CA ARG C 140 -7.89 -10.10 13.35
C ARG C 140 -7.47 -10.54 14.75
N GLU C 141 -7.64 -9.67 15.75
CA GLU C 141 -7.26 -10.03 17.10
C GLU C 141 -8.16 -11.14 17.65
N MET C 142 -9.47 -11.04 17.42
CA MET C 142 -10.39 -12.06 17.93
C MET C 142 -10.07 -13.42 17.31
N LYS C 143 -9.67 -13.44 16.04
CA LYS C 143 -9.23 -14.68 15.42
C LYS C 143 -8.02 -15.25 16.15
N LEU C 144 -7.07 -14.39 16.53
CA LEU C 144 -5.89 -14.85 17.26
C LEU C 144 -6.27 -15.43 18.61
N ARG C 145 -7.03 -14.68 19.40
CA ARG C 145 -7.33 -15.11 20.77
C ARG C 145 -8.19 -16.35 20.79
N PHE C 146 -9.19 -16.43 19.91
CA PHE C 146 -10.17 -17.50 19.98
C PHE C 146 -9.77 -18.75 19.22
N MET C 147 -8.93 -18.62 18.19
CA MET C 147 -8.39 -19.83 17.57
C MET C 147 -7.47 -20.58 18.53
N ARG C 148 -6.78 -19.85 19.41
CA ARG C 148 -5.94 -20.50 20.41
C ARG C 148 -6.75 -21.45 21.29
N LEU C 149 -8.04 -21.18 21.45
CA LEU C 149 -8.91 -22.02 22.27
C LEU C 149 -9.59 -23.13 21.49
N GLY C 150 -9.29 -23.26 20.19
CA GLY C 150 -9.83 -24.33 19.38
C GLY C 150 -10.99 -23.95 18.49
N VAL C 151 -11.43 -22.70 18.51
CA VAL C 151 -12.52 -22.27 17.63
C VAL C 151 -11.99 -22.14 16.21
N VAL C 152 -12.68 -22.77 15.26
CA VAL C 152 -12.35 -22.57 13.86
C VAL C 152 -12.99 -21.27 13.39
N CYS C 153 -12.18 -20.35 12.87
CA CYS C 153 -12.68 -19.01 12.58
C CYS C 153 -11.73 -18.29 11.64
N GLU C 154 -12.29 -17.36 10.88
CA GLU C 154 -11.53 -16.50 9.98
C GLU C 154 -12.00 -15.07 10.13
N ALA C 155 -11.11 -14.11 9.90
CA ALA C 155 -11.42 -12.70 9.97
C ALA C 155 -11.21 -12.05 8.60
N LEU C 156 -12.08 -11.08 8.28
CA LEU C 156 -12.06 -10.44 6.98
C LEU C 156 -12.03 -8.92 7.15
N THR C 157 -11.48 -8.25 6.13
CA THR C 157 -11.19 -6.83 6.23
C THR C 157 -11.70 -6.01 5.03
N ASP C 158 -12.00 -6.63 3.89
CA ASP C 158 -12.50 -5.91 2.73
C ASP C 158 -13.90 -6.35 2.36
N GLN C 159 -14.58 -5.52 1.56
CA GLN C 159 -15.93 -5.82 1.14
C GLN C 159 -16.00 -7.07 0.27
N ASP C 160 -15.01 -7.24 -0.62
CA ASP C 160 -14.97 -8.42 -1.47
C ASP C 160 -14.88 -9.69 -0.64
N GLY C 161 -14.10 -9.67 0.44
CA GLY C 161 -14.04 -10.82 1.32
C GLY C 161 -15.37 -11.11 2.00
N PHE C 162 -16.09 -10.06 2.40
CA PHE C 162 -17.37 -10.26 3.06
C PHE C 162 -18.36 -10.98 2.15
N ALA C 163 -18.43 -10.57 0.87
CA ALA C 163 -19.42 -11.15 -0.04
C ALA C 163 -19.15 -12.62 -0.29
N TRP C 164 -17.88 -13.01 -0.45
CA TRP C 164 -17.56 -14.39 -0.79
C TRP C 164 -17.91 -15.35 0.34
N THR C 165 -17.50 -15.00 1.57
CA THR C 165 -17.79 -15.89 2.69
C THR C 165 -19.28 -15.94 3.02
N THR C 166 -19.99 -14.83 2.83
CA THR C 166 -21.43 -14.83 3.10
C THR C 166 -22.17 -15.85 2.24
N SER C 167 -21.67 -16.11 1.02
CA SER C 167 -22.35 -17.02 0.12
C SER C 167 -22.18 -18.49 0.52
N ILE C 168 -21.23 -18.81 1.39
CA ILE C 168 -20.95 -20.19 1.77
C ILE C 168 -21.33 -20.47 3.22
N MET C 169 -22.25 -19.70 3.79
CA MET C 169 -22.64 -19.88 5.17
C MET C 169 -23.99 -20.56 5.27
N ASP C 170 -24.26 -21.16 6.43
CA ASP C 170 -25.46 -21.95 6.64
C ASP C 170 -25.97 -21.69 8.06
N GLU C 171 -26.74 -22.64 8.59
CA GLU C 171 -27.32 -22.49 9.92
C GLU C 171 -26.29 -22.66 11.02
N ASN C 172 -25.21 -23.41 10.75
CA ASN C 172 -24.20 -23.71 11.75
C ASN C 172 -23.12 -22.63 11.86
N CYS C 173 -23.32 -21.47 11.24
CA CYS C 173 -22.31 -20.43 11.20
C CYS C 173 -22.69 -19.25 12.10
N LEU C 174 -21.67 -18.49 12.49
CA LEU C 174 -21.82 -17.29 13.30
C LEU C 174 -20.89 -16.21 12.76
N VAL C 175 -21.37 -14.97 12.74
CA VAL C 175 -20.61 -13.84 12.24
C VAL C 175 -20.65 -12.72 13.29
N LEU C 176 -19.49 -12.15 13.59
CA LEU C 176 -19.38 -10.98 14.44
C LEU C 176 -19.01 -9.79 13.57
N GLY C 177 -19.87 -8.78 13.56
CA GLY C 177 -19.67 -7.59 12.74
C GLY C 177 -19.20 -6.42 13.59
N PHE C 178 -18.27 -5.63 13.04
CA PHE C 178 -17.66 -4.53 13.76
C PHE C 178 -17.83 -3.24 12.97
N SER C 179 -18.56 -2.29 13.54
CA SER C 179 -18.78 -0.99 12.90
C SER C 179 -18.90 0.05 14.01
N LEU C 180 -17.83 0.81 14.24
CA LEU C 180 -17.84 1.81 15.31
C LEU C 180 -18.88 2.88 15.05
N SER C 181 -18.93 3.39 13.81
CA SER C 181 -19.93 4.40 13.47
C SER C 181 -21.33 3.81 13.41
N GLY C 182 -21.45 2.54 13.05
CA GLY C 182 -22.74 1.90 12.91
C GLY C 182 -23.41 2.11 11.56
N SER C 183 -22.80 2.87 10.65
CA SER C 183 -23.39 3.15 9.35
C SER C 183 -22.47 2.76 8.19
N THR C 184 -21.41 1.98 8.46
CA THR C 184 -20.55 1.54 7.37
C THR C 184 -21.32 0.57 6.46
N PRO C 185 -21.38 0.83 5.15
CA PRO C 185 -22.22 0.00 4.28
C PRO C 185 -21.83 -1.46 4.24
N SER C 186 -20.53 -1.77 4.26
CA SER C 186 -20.10 -3.16 4.10
C SER C 186 -20.54 -4.02 5.27
N ILE C 187 -20.42 -3.51 6.50
CA ILE C 187 -20.73 -4.32 7.68
C ILE C 187 -22.22 -4.62 7.75
N LEU C 188 -23.07 -3.61 7.58
CA LEU C 188 -24.50 -3.80 7.76
C LEU C 188 -25.10 -4.66 6.66
N ASP C 189 -24.72 -4.41 5.40
CA ASP C 189 -25.27 -5.18 4.29
C ASP C 189 -24.83 -6.64 4.34
N SER C 190 -23.54 -6.88 4.54
CA SER C 190 -23.04 -8.25 4.54
C SER C 190 -23.55 -9.03 5.75
N LEU C 191 -23.78 -8.36 6.87
CA LEU C 191 -24.37 -9.01 8.03
C LEU C 191 -25.81 -9.47 7.73
N LEU C 192 -26.57 -8.64 7.00
CA LEU C 192 -27.91 -9.07 6.59
C LEU C 192 -27.84 -10.24 5.63
N ASP C 193 -26.86 -10.23 4.72
CA ASP C 193 -26.66 -11.39 3.84
C ASP C 193 -26.35 -12.64 4.64
N ALA C 194 -25.66 -12.50 5.78
CA ALA C 194 -25.41 -13.64 6.64
C ALA C 194 -26.70 -14.21 7.20
N LYS C 195 -27.62 -13.33 7.62
CA LYS C 195 -28.89 -13.78 8.18
C LYS C 195 -29.72 -14.56 7.16
N GLU C 196 -29.72 -14.10 5.90
CA GLU C 196 -30.45 -14.80 4.86
C GLU C 196 -29.94 -16.21 4.61
N MET C 197 -28.68 -16.48 4.98
CA MET C 197 -28.13 -17.83 4.89
C MET C 197 -28.40 -18.66 6.15
N GLY C 198 -29.10 -18.10 7.13
CA GLY C 198 -29.46 -18.82 8.33
C GLY C 198 -28.48 -18.70 9.48
N ALA C 199 -27.35 -18.02 9.29
CA ALA C 199 -26.37 -17.87 10.35
C ALA C 199 -26.78 -16.81 11.36
N LYS C 200 -26.32 -16.98 12.59
CA LYS C 200 -26.51 -15.95 13.60
C LYS C 200 -25.59 -14.76 13.33
N THR C 201 -26.10 -13.56 13.60
CA THR C 201 -25.39 -12.32 13.30
C THR C 201 -25.30 -11.47 14.55
N VAL C 202 -24.10 -10.96 14.82
CA VAL C 202 -23.85 -10.07 15.96
C VAL C 202 -23.20 -8.81 15.45
N LEU C 203 -23.70 -7.65 15.92
CA LEU C 203 -23.24 -6.35 15.49
C LEU C 203 -22.67 -5.59 16.68
N PHE C 204 -21.51 -4.97 16.49
CA PHE C 204 -20.88 -4.11 17.49
C PHE C 204 -20.90 -2.68 16.98
N SER C 205 -21.47 -1.77 17.78
CA SER C 205 -21.57 -0.37 17.36
C SER C 205 -21.72 0.52 18.58
N SER C 206 -21.40 1.81 18.38
CA SER C 206 -21.62 2.83 19.38
C SER C 206 -22.84 3.68 19.11
N VAL C 207 -23.34 3.68 17.88
CA VAL C 207 -24.52 4.44 17.49
C VAL C 207 -25.70 3.48 17.39
N PRO C 208 -26.80 3.72 18.13
CA PRO C 208 -27.99 2.86 18.01
C PRO C 208 -28.80 3.13 16.75
N ASN C 209 -28.34 2.56 15.63
CA ASN C 209 -29.09 2.66 14.38
C ASN C 209 -30.40 1.90 14.50
N LYS C 210 -31.41 2.35 13.76
CA LYS C 210 -32.71 1.69 13.80
C LYS C 210 -32.61 0.25 13.34
N ASP C 211 -31.87 0.01 12.25
CA ASP C 211 -31.70 -1.33 11.69
C ASP C 211 -30.56 -2.06 12.39
N SER C 212 -30.68 -2.14 13.72
CA SER C 212 -29.73 -2.87 14.55
C SER C 212 -30.35 -4.08 15.22
N GLN C 213 -31.67 -4.13 15.33
CA GLN C 213 -32.36 -5.24 15.97
C GLN C 213 -32.50 -6.45 15.04
N ALA C 214 -32.21 -6.28 13.74
CA ALA C 214 -32.32 -7.40 12.81
C ALA C 214 -31.32 -8.50 13.14
N TYR C 215 -30.22 -8.14 13.79
CA TYR C 215 -29.16 -9.09 14.09
C TYR C 215 -29.43 -9.80 15.42
N THR C 216 -28.95 -11.04 15.51
CA THR C 216 -29.21 -11.87 16.68
C THR C 216 -28.83 -11.16 17.97
N GLU C 217 -27.71 -10.44 17.95
CA GLU C 217 -27.33 -9.59 19.08
C GLU C 217 -26.81 -8.26 18.55
N THR C 218 -27.10 -7.20 19.31
CA THR C 218 -26.53 -5.88 19.07
C THR C 218 -25.85 -5.43 20.35
N VAL C 219 -24.53 -5.23 20.28
CA VAL C 219 -23.74 -4.83 21.43
C VAL C 219 -23.46 -3.34 21.31
N LEU C 220 -23.85 -2.57 22.32
CA LEU C 220 -23.62 -1.13 22.34
C LEU C 220 -22.30 -0.87 23.06
N VAL C 221 -21.35 -0.28 22.35
CA VAL C 221 -20.04 0.03 22.89
C VAL C 221 -19.99 1.52 23.25
N ALA C 222 -18.97 1.90 24.01
CA ALA C 222 -18.84 3.28 24.44
C ALA C 222 -18.45 4.18 23.28
N THR C 223 -18.78 5.46 23.41
CA THR C 223 -18.42 6.48 22.43
C THR C 223 -17.21 7.26 22.93
N HIS C 224 -16.46 7.82 21.99
CA HIS C 224 -15.22 8.51 22.34
C HIS C 224 -15.51 9.83 23.06
N SER C 225 -14.60 10.20 23.97
CA SER C 225 -14.76 11.43 24.73
C SER C 225 -14.57 12.65 23.84
N GLN C 226 -13.60 12.61 22.94
CA GLN C 226 -13.27 13.77 22.13
C GLN C 226 -14.41 14.07 21.14
N PRO C 227 -14.77 15.35 20.98
CA PRO C 227 -15.77 15.70 19.97
C PRO C 227 -15.17 15.77 18.58
N SER C 228 -13.94 16.26 18.49
CA SER C 228 -13.27 16.36 17.20
C SER C 228 -12.89 14.97 16.68
N TYR C 229 -13.11 14.76 15.38
CA TYR C 229 -12.81 13.48 14.75
C TYR C 229 -11.33 13.15 14.85
N ILE C 230 -10.47 14.15 14.62
CA ILE C 230 -9.04 13.92 14.51
C ILE C 230 -8.40 13.60 15.87
N GLN C 231 -8.92 14.15 16.96
CA GLN C 231 -8.28 14.03 18.27
C GLN C 231 -8.72 12.81 19.06
N ARG C 232 -9.62 11.99 18.54
CA ARG C 232 -10.06 10.81 19.28
C ARG C 232 -8.92 9.81 19.44
N ILE C 233 -9.01 8.99 20.50
CA ILE C 233 -8.03 7.95 20.75
C ILE C 233 -8.28 6.77 19.81
N SER C 234 -7.58 5.66 20.04
CA SER C 234 -7.67 4.51 19.13
C SER C 234 -9.11 4.04 18.97
N ALA C 235 -9.49 3.76 17.71
CA ALA C 235 -10.83 3.27 17.43
C ALA C 235 -11.04 1.83 17.87
N GLN C 236 -9.95 1.09 18.11
CA GLN C 236 -10.08 -0.27 18.62
C GLN C 236 -10.58 -0.29 20.06
N LEU C 237 -10.39 0.80 20.81
CA LEU C 237 -10.66 0.78 22.24
C LEU C 237 -12.10 0.42 22.59
N PRO C 238 -13.13 1.07 22.02
CA PRO C 238 -14.50 0.67 22.36
C PRO C 238 -14.79 -0.79 22.06
N MET C 239 -14.20 -1.32 20.98
CA MET C 239 -14.39 -2.74 20.66
C MET C 239 -13.62 -3.63 21.62
N LEU C 240 -12.40 -3.24 21.99
CA LEU C 240 -11.53 -4.13 22.76
C LEU C 240 -12.06 -4.37 24.17
N PHE C 241 -12.77 -3.39 24.76
CA PHE C 241 -13.34 -3.59 26.09
C PHE C 241 -14.25 -4.82 26.12
N PHE C 242 -15.20 -4.89 25.19
CA PHE C 242 -16.17 -5.97 25.17
C PHE C 242 -15.59 -7.28 24.66
N ILE C 243 -14.54 -7.22 23.83
CA ILE C 243 -13.92 -8.45 23.33
C ILE C 243 -13.29 -9.24 24.47
N ASP C 244 -12.57 -8.56 25.36
CA ASP C 244 -11.98 -9.23 26.51
C ASP C 244 -13.06 -9.73 27.46
N LEU C 245 -14.15 -8.96 27.60
CA LEU C 245 -15.27 -9.41 28.42
C LEU C 245 -15.87 -10.70 27.88
N ILE C 246 -16.22 -10.71 26.60
CA ILE C 246 -16.77 -11.91 25.98
C ILE C 246 -15.75 -13.03 26.00
N TYR C 247 -14.46 -12.70 25.82
CA TYR C 247 -13.41 -13.70 25.90
C TYR C 247 -13.39 -14.37 27.28
N ALA C 248 -13.54 -13.57 28.34
CA ALA C 248 -13.56 -14.13 29.69
C ALA C 248 -14.76 -15.06 29.89
N TYR C 249 -15.94 -14.65 29.44
CA TYR C 249 -17.11 -15.50 29.56
C TYR C 249 -16.99 -16.75 28.72
N PHE C 250 -16.50 -16.61 27.47
CA PHE C 250 -16.28 -17.78 26.64
C PHE C 250 -15.20 -18.70 27.21
N LEU C 251 -14.29 -18.13 28.00
CA LEU C 251 -13.18 -18.91 28.54
C LEU C 251 -13.66 -20.01 29.49
N GLU C 252 -14.65 -19.69 30.32
CA GLU C 252 -15.09 -20.61 31.37
C GLU C 252 -16.10 -21.65 30.89
N ILE C 253 -16.49 -21.60 29.62
CA ILE C 253 -17.35 -22.65 29.05
C ILE C 253 -16.47 -23.86 28.74
N ASN C 254 -16.62 -24.92 29.52
CA ASN C 254 -15.76 -26.10 29.45
C ASN C 254 -14.29 -25.68 29.48
N ARG C 255 -13.91 -25.10 30.62
CA ARG C 255 -12.67 -24.34 30.71
C ARG C 255 -11.44 -25.20 30.43
N GLU C 256 -11.29 -26.31 31.16
CA GLU C 256 -10.04 -27.06 31.09
C GLU C 256 -9.83 -27.67 29.71
N SER C 257 -10.91 -28.04 29.02
CA SER C 257 -10.77 -28.43 27.62
C SER C 257 -10.07 -27.32 26.85
N LYS C 258 -10.60 -26.10 26.94
CA LYS C 258 -10.03 -24.98 26.19
C LYS C 258 -8.59 -24.70 26.64
N GLU C 259 -8.33 -24.75 27.94
CA GLU C 259 -7.00 -24.44 28.44
C GLU C 259 -5.97 -25.44 27.94
N LYS C 260 -6.38 -26.71 27.73
CA LYS C 260 -5.47 -27.69 27.15
C LYS C 260 -5.14 -27.34 25.70
N ILE C 261 -6.12 -26.81 24.96
CA ILE C 261 -5.88 -26.49 23.55
C ILE C 261 -4.83 -25.39 23.41
N PHE C 262 -4.92 -24.34 24.25
CA PHE C 262 -3.91 -23.29 24.22
C PHE C 262 -2.55 -23.83 24.63
N ASN C 263 -2.50 -24.59 25.72
CA ASN C 263 -1.24 -25.18 26.14
C ASN C 263 -0.71 -26.15 25.10
N SER C 264 -1.60 -26.87 24.43
CA SER C 264 -1.19 -27.64 23.25
C SER C 264 -0.75 -26.70 22.14
N TYR C 265 -1.40 -25.53 22.02
CA TYR C 265 -1.02 -24.56 21.00
C TYR C 265 0.33 -23.94 21.32
N TRP C 266 0.44 -23.30 22.48
CA TRP C 266 1.67 -22.61 22.85
C TRP C 266 2.87 -23.55 22.96
N GLU C 267 2.64 -24.85 23.15
CA GLU C 267 3.75 -25.79 23.18
C GLU C 267 4.44 -25.86 21.82
N ASN C 268 3.66 -25.83 20.73
CA ASN C 268 4.25 -25.94 19.40
C ASN C 268 5.02 -24.69 19.01
N LYS C 269 4.66 -23.54 19.56
CA LYS C 269 5.19 -22.26 19.07
C LYS C 269 6.71 -22.15 19.20
N LYS C 270 7.34 -23.00 20.02
CA LYS C 270 8.77 -22.89 20.25
C LYS C 270 9.62 -23.21 19.03
N LEU C 271 9.06 -23.84 18.00
CA LEU C 271 9.84 -24.18 16.82
C LEU C 271 10.33 -22.93 16.10
N ASN C 272 9.49 -21.90 16.01
CA ASN C 272 9.80 -20.59 15.43
C ASN C 272 10.79 -20.64 14.26
N PRO D 4 18.16 -5.12 -42.73
CA PRO D 4 19.60 -5.19 -42.47
C PRO D 4 20.31 -3.86 -42.67
N ASP D 5 21.11 -3.46 -41.69
CA ASP D 5 21.91 -2.25 -41.80
C ASP D 5 22.92 -2.39 -42.94
N ILE D 6 23.06 -1.32 -43.74
CA ILE D 6 23.93 -1.38 -44.92
C ILE D 6 25.37 -1.65 -44.51
N ALA D 7 25.78 -1.20 -43.32
CA ALA D 7 27.12 -1.54 -42.84
C ALA D 7 27.29 -3.04 -42.71
N THR D 8 26.26 -3.74 -42.23
CA THR D 8 26.28 -5.19 -42.18
C THR D 8 26.07 -5.83 -43.55
N VAL D 9 25.33 -5.15 -44.44
CA VAL D 9 25.10 -5.71 -45.77
C VAL D 9 26.41 -5.79 -46.56
N ILE D 10 27.24 -4.75 -46.49
CA ILE D 10 28.55 -4.82 -47.13
C ILE D 10 29.42 -5.85 -46.43
N ASP D 11 29.28 -5.98 -45.11
CA ASP D 11 30.07 -6.96 -44.37
C ASP D 11 29.70 -8.39 -44.79
N SER D 12 28.41 -8.68 -44.92
CA SER D 12 27.99 -10.00 -45.36
C SER D 12 28.44 -10.29 -46.78
N HIS D 13 28.33 -9.29 -47.66
CA HIS D 13 28.80 -9.40 -49.04
C HIS D 13 30.23 -8.89 -49.16
N PHE D 14 31.15 -9.54 -48.44
CA PHE D 14 32.55 -9.13 -48.45
C PHE D 14 33.45 -10.18 -49.09
N GLU D 15 33.45 -11.41 -48.56
CA GLU D 15 34.42 -12.42 -49.00
C GLU D 15 34.23 -12.82 -50.45
N GLU D 16 33.11 -12.45 -51.07
CA GLU D 16 32.83 -12.76 -52.46
C GLU D 16 33.21 -11.64 -53.41
N MET D 17 33.84 -10.57 -52.93
CA MET D 17 34.16 -9.41 -53.75
C MET D 17 35.62 -9.46 -54.21
N THR D 18 35.88 -8.81 -55.35
CA THR D 18 37.22 -8.71 -55.88
C THR D 18 38.07 -7.77 -55.02
N ASP D 19 39.39 -7.83 -55.24
CA ASP D 19 40.31 -7.05 -54.42
C ASP D 19 39.99 -5.56 -54.49
N LEU D 20 39.72 -5.04 -55.68
CA LEU D 20 39.40 -3.62 -55.80
C LEU D 20 38.13 -3.29 -55.03
N GLU D 21 37.07 -4.07 -55.23
CA GLU D 21 35.81 -3.81 -54.54
C GLU D 21 35.93 -3.97 -53.04
N GLN D 22 36.78 -4.90 -52.57
CA GLN D 22 37.03 -5.01 -51.15
C GLN D 22 37.62 -3.72 -50.59
N GLU D 23 38.45 -3.04 -51.39
CA GLU D 23 38.90 -1.70 -51.02
C GLU D 23 37.82 -0.64 -51.22
N ILE D 24 36.98 -0.79 -52.25
CA ILE D 24 35.88 0.16 -52.43
C ILE D 24 34.93 0.10 -51.24
N ALA D 25 34.66 -1.11 -50.74
CA ALA D 25 33.85 -1.25 -49.54
C ALA D 25 34.46 -0.49 -48.38
N ARG D 26 35.77 -0.69 -48.15
CA ARG D 26 36.43 -0.10 -46.99
C ARG D 26 36.20 1.41 -46.92
N TYR D 27 36.13 2.07 -48.08
CA TYR D 27 35.79 3.49 -48.10
C TYR D 27 34.36 3.71 -47.61
N PHE D 28 33.42 2.88 -48.04
CA PHE D 28 32.02 3.06 -47.64
C PHE D 28 31.75 2.62 -46.21
N LEU D 29 32.56 1.73 -45.65
CA LEU D 29 32.41 1.36 -44.25
C LEU D 29 32.90 2.46 -43.31
N GLN D 30 33.66 3.42 -43.83
CA GLN D 30 34.17 4.51 -43.01
C GLN D 30 33.02 5.40 -42.55
N ALA D 31 33.14 5.91 -41.32
CA ALA D 31 32.06 6.69 -40.72
C ALA D 31 31.86 8.02 -41.44
N GLU D 32 32.95 8.71 -41.79
CA GLU D 32 32.82 10.06 -42.35
C GLU D 32 32.19 10.01 -43.74
N THR D 33 32.38 8.89 -44.45
CA THR D 33 32.04 8.74 -45.87
C THR D 33 30.69 9.36 -46.21
N ILE D 34 29.74 9.27 -45.29
CA ILE D 34 28.41 9.82 -45.49
C ILE D 34 28.45 11.31 -45.78
N GLN D 35 29.43 12.04 -45.22
CA GLN D 35 29.52 13.48 -45.40
C GLN D 35 30.23 13.89 -46.69
N ASP D 36 30.70 12.92 -47.47
CA ASP D 36 31.41 13.19 -48.71
C ASP D 36 30.43 13.37 -49.86
N ASP D 37 30.93 13.95 -50.94
CA ASP D 37 30.25 13.87 -52.23
C ASP D 37 30.28 12.42 -52.69
N LEU D 38 29.10 11.83 -52.90
CA LEU D 38 29.02 10.40 -53.18
C LEU D 38 28.62 10.10 -54.63
N SER D 39 28.70 11.10 -55.51
CA SER D 39 28.45 10.86 -56.92
C SER D 39 29.54 9.95 -57.49
N SER D 40 29.18 9.19 -58.53
CA SER D 40 30.13 8.27 -59.14
C SER D 40 31.36 9.01 -59.67
N GLN D 41 31.17 10.20 -60.22
CA GLN D 41 32.30 10.97 -60.73
C GLN D 41 33.28 11.33 -59.63
N GLN D 42 32.76 11.74 -58.46
CA GLN D 42 33.63 12.11 -57.35
C GLN D 42 34.29 10.89 -56.73
N VAL D 43 33.54 9.81 -56.51
CA VAL D 43 34.08 8.63 -55.84
C VAL D 43 35.15 7.98 -56.70
N THR D 44 34.97 7.99 -58.02
CA THR D 44 35.97 7.39 -58.90
C THR D 44 37.29 8.15 -58.83
N GLN D 45 37.23 9.48 -58.75
CA GLN D 45 38.46 10.26 -58.64
C GLN D 45 39.11 10.09 -57.27
N LYS D 46 38.30 10.07 -56.20
CA LYS D 46 38.85 9.96 -54.85
C LYS D 46 39.52 8.61 -54.64
N LEU D 47 38.89 7.53 -55.10
CA LEU D 47 39.45 6.19 -54.95
C LEU D 47 40.27 5.76 -56.16
N HIS D 48 40.36 6.60 -57.19
CA HIS D 48 41.19 6.34 -58.39
C HIS D 48 40.78 5.02 -59.05
N ILE D 49 39.55 4.99 -59.55
CA ILE D 49 38.94 3.81 -60.14
C ILE D 49 38.01 4.23 -61.26
N SER D 50 37.36 3.24 -61.86
CA SER D 50 36.42 3.45 -62.96
C SER D 50 34.99 3.41 -62.45
N GLN D 51 34.10 4.05 -63.21
CA GLN D 51 32.69 4.07 -62.84
C GLN D 51 32.07 2.68 -62.94
N ALA D 52 32.62 1.82 -63.80
CA ALA D 52 32.14 0.44 -63.88
C ALA D 52 32.47 -0.33 -62.60
N ALA D 53 33.57 0.03 -61.92
CA ALA D 53 33.92 -0.63 -60.68
C ALA D 53 32.86 -0.39 -59.60
N LEU D 54 32.35 0.84 -59.52
CA LEU D 54 31.29 1.14 -58.56
C LEU D 54 30.03 0.33 -58.86
N THR D 55 29.67 0.21 -60.14
CA THR D 55 28.50 -0.59 -60.50
C THR D 55 28.71 -2.06 -60.14
N ARG D 56 29.90 -2.60 -60.42
CA ARG D 56 30.17 -4.00 -60.11
C ARG D 56 30.16 -4.23 -58.60
N PHE D 57 30.72 -3.30 -57.83
CA PHE D 57 30.70 -3.41 -56.38
C PHE D 57 29.28 -3.43 -55.84
N ALA D 58 28.43 -2.55 -56.35
CA ALA D 58 27.03 -2.51 -55.92
C ALA D 58 26.29 -3.78 -56.32
N LYS D 59 26.59 -4.32 -57.51
CA LYS D 59 25.91 -5.53 -57.98
C LYS D 59 26.19 -6.71 -57.06
N LYS D 60 27.44 -6.92 -56.66
CA LYS D 60 27.76 -8.01 -55.75
C LYS D 60 27.17 -7.80 -54.37
N CYS D 61 26.78 -6.57 -54.04
CA CYS D 61 26.07 -6.29 -52.79
C CYS D 61 24.58 -6.56 -52.87
N GLY D 62 24.08 -6.99 -54.03
CA GLY D 62 22.67 -7.27 -54.19
C GLY D 62 21.85 -6.11 -54.70
N PHE D 63 22.45 -5.20 -55.45
CA PHE D 63 21.77 -4.02 -55.97
C PHE D 63 21.80 -4.02 -57.49
N THR D 64 20.85 -3.29 -58.08
CA THR D 64 20.82 -3.14 -59.54
C THR D 64 22.07 -2.42 -60.03
N GLY D 65 22.51 -1.41 -59.30
CA GLY D 65 23.70 -0.68 -59.69
C GLY D 65 24.13 0.27 -58.60
N TYR D 66 25.11 1.12 -58.93
CA TYR D 66 25.62 2.07 -57.95
C TYR D 66 24.56 3.09 -57.57
N ARG D 67 23.67 3.45 -58.50
CA ARG D 67 22.62 4.41 -58.19
C ARG D 67 21.70 3.89 -57.11
N GLU D 68 21.30 2.62 -57.19
CA GLU D 68 20.44 2.05 -56.16
C GLU D 68 21.18 1.85 -54.85
N PHE D 69 22.46 1.48 -54.90
CA PHE D 69 23.24 1.30 -53.68
C PHE D 69 23.37 2.62 -52.92
N ILE D 70 23.77 3.68 -53.62
CA ILE D 70 23.98 4.98 -52.96
C ILE D 70 22.67 5.54 -52.44
N PHE D 71 21.53 5.11 -52.98
CA PHE D 71 20.25 5.58 -52.47
C PHE D 71 19.94 4.96 -51.12
N GLN D 72 20.16 3.64 -50.98
CA GLN D 72 20.00 3.01 -49.67
C GLN D 72 21.01 3.57 -48.68
N TYR D 73 22.24 3.81 -49.13
CA TYR D 73 23.27 4.35 -48.25
C TYR D 73 22.87 5.73 -47.72
N GLN D 74 22.36 6.59 -48.62
CA GLN D 74 21.91 7.91 -48.19
C GLN D 74 20.56 7.86 -47.48
N HIS D 75 19.69 6.93 -47.87
CA HIS D 75 18.37 6.83 -47.25
C HIS D 75 18.47 6.41 -45.79
N GLU D 76 19.40 5.51 -45.46
CA GLU D 76 19.56 5.14 -44.06
C GLU D 76 20.09 6.32 -43.26
N ALA D 77 21.02 7.09 -43.84
CA ALA D 77 21.55 8.26 -43.14
C ALA D 77 20.47 9.32 -42.93
N GLU D 78 19.62 9.55 -43.93
CA GLU D 78 18.53 10.51 -43.71
C GLU D 78 17.53 9.97 -42.69
N ASN D 79 17.33 8.65 -42.65
CA ASN D 79 16.54 8.04 -41.58
C ASN D 79 17.31 7.97 -40.28
N GLN D 80 18.64 7.97 -40.32
CA GLN D 80 19.42 8.07 -39.09
C GLN D 80 19.45 9.50 -38.56
N ALA D 81 19.33 10.49 -39.45
CA ALA D 81 19.33 11.89 -39.07
C ALA D 81 17.94 12.48 -38.89
N ASN D 82 16.88 11.70 -39.12
CA ASN D 82 15.53 12.20 -38.89
C ASN D 82 15.13 12.18 -37.42
N GLN D 83 15.94 11.57 -36.56
CA GLN D 83 15.68 11.48 -35.15
C GLN D 83 16.06 12.80 -34.46
N VAL D 84 15.58 12.97 -33.23
CA VAL D 84 15.96 14.15 -32.44
C VAL D 84 17.38 14.03 -31.94
N SER D 85 17.65 12.98 -31.15
CA SER D 85 18.98 12.68 -30.67
C SER D 85 19.54 11.47 -31.41
N LYS D 86 20.86 11.42 -31.53
CA LYS D 86 21.51 10.22 -32.01
C LYS D 86 21.60 9.24 -30.84
N HIS D 87 21.13 8.02 -31.04
CA HIS D 87 20.85 7.14 -29.93
C HIS D 87 22.12 6.47 -29.39
N SER D 88 22.13 6.21 -28.10
CA SER D 88 23.24 5.60 -27.39
C SER D 88 23.14 4.09 -27.46
N PRO D 89 24.19 3.37 -27.02
CA PRO D 89 24.05 1.91 -26.89
C PRO D 89 22.91 1.49 -25.98
N LEU D 90 22.65 2.23 -24.91
CA LEU D 90 21.51 1.94 -24.05
C LEU D 90 20.20 2.15 -24.79
N THR D 91 20.09 3.24 -25.55
CA THR D 91 18.88 3.48 -26.33
C THR D 91 18.67 2.39 -27.37
N LYS D 92 19.75 1.97 -28.03
CA LYS D 92 19.63 0.93 -29.05
C LYS D 92 19.35 -0.44 -28.44
N ARG D 93 19.88 -0.70 -27.24
CA ARG D 93 19.65 -1.99 -26.59
C ARG D 93 18.19 -2.19 -26.24
N VAL D 94 17.54 -1.15 -25.71
CA VAL D 94 16.12 -1.26 -25.34
C VAL D 94 15.27 -1.46 -26.58
N LEU D 95 15.55 -0.72 -27.65
CA LEU D 95 14.81 -0.91 -28.90
C LEU D 95 15.09 -2.27 -29.51
N ARG D 96 16.29 -2.82 -29.29
CA ARG D 96 16.59 -4.16 -29.80
C ARG D 96 15.71 -5.21 -29.15
N SER D 97 15.49 -5.10 -27.83
CA SER D 97 14.68 -6.09 -27.13
C SER D 97 13.24 -6.07 -27.62
N TYR D 98 12.72 -4.90 -27.99
CA TYR D 98 11.38 -4.85 -28.56
C TYR D 98 11.32 -5.56 -29.91
N SER D 99 12.25 -5.24 -30.81
CA SER D 99 12.22 -5.82 -32.14
C SER D 99 12.55 -7.31 -32.10
N ASN D 100 13.51 -7.71 -31.27
CA ASN D 100 13.84 -9.13 -31.15
C ASN D 100 12.65 -9.93 -30.61
N MET D 101 11.94 -9.37 -29.63
CA MET D 101 10.73 -10.02 -29.14
C MET D 101 9.66 -10.09 -30.23
N ARG D 102 9.55 -9.04 -31.04
CA ARG D 102 8.60 -9.06 -32.14
C ARG D 102 8.92 -10.16 -33.14
N GLU D 103 10.21 -10.32 -33.49
CA GLU D 103 10.59 -11.36 -34.43
C GLU D 103 10.51 -12.75 -33.80
N GLN D 104 10.88 -12.87 -32.52
CA GLN D 104 10.75 -14.16 -31.84
C GLN D 104 9.29 -14.56 -31.68
N THR D 105 8.42 -13.61 -31.31
CA THR D 105 6.99 -13.91 -31.25
C THR D 105 6.46 -14.30 -32.63
N GLN D 106 6.92 -13.60 -33.67
CA GLN D 106 6.48 -13.88 -35.03
C GLN D 106 6.81 -15.31 -35.46
N ASP D 107 7.93 -15.85 -34.97
CA ASP D 107 8.28 -17.24 -35.29
C ASP D 107 7.40 -18.24 -34.55
N LEU D 108 6.77 -17.84 -33.44
CA LEU D 108 6.00 -18.76 -32.62
C LEU D 108 4.49 -18.65 -32.86
N ILE D 109 4.07 -17.95 -33.90
CA ILE D 109 2.65 -17.70 -34.13
C ILE D 109 1.97 -18.97 -34.64
N ASP D 110 0.93 -19.40 -33.93
CA ASP D 110 0.13 -20.56 -34.30
C ASP D 110 -1.27 -20.04 -34.63
N GLU D 111 -1.53 -19.80 -35.92
CA GLU D 111 -2.77 -19.14 -36.33
C GLU D 111 -3.99 -19.99 -36.01
N VAL D 112 -3.92 -21.30 -36.25
CA VAL D 112 -5.08 -22.14 -35.99
C VAL D 112 -5.38 -22.21 -34.50
N GLN D 113 -4.34 -22.18 -33.66
CA GLN D 113 -4.56 -22.13 -32.22
C GLN D 113 -5.23 -20.83 -31.79
N LEU D 114 -4.78 -19.70 -32.35
CA LEU D 114 -5.25 -18.40 -31.87
C LEU D 114 -6.73 -18.19 -32.15
N GLU D 115 -7.17 -18.52 -33.37
CA GLU D 115 -8.60 -18.44 -33.68
C GLU D 115 -9.41 -19.40 -32.82
N ARG D 116 -8.87 -20.61 -32.58
CA ARG D 116 -9.56 -21.56 -31.72
C ARG D 116 -9.75 -21.00 -30.32
N ILE D 117 -8.71 -20.36 -29.76
CA ILE D 117 -8.85 -19.71 -28.46
C ILE D 117 -9.82 -18.55 -28.55
N ALA D 118 -9.77 -17.78 -29.64
CA ALA D 118 -10.75 -16.73 -29.85
C ALA D 118 -12.16 -17.31 -29.92
N GLN D 119 -12.29 -18.50 -30.52
CA GLN D 119 -13.59 -19.18 -30.53
C GLN D 119 -14.00 -19.58 -29.12
N LEU D 120 -13.06 -20.07 -28.31
CA LEU D 120 -13.37 -20.46 -26.95
C LEU D 120 -13.94 -19.29 -26.15
N ILE D 121 -13.41 -18.09 -26.38
CA ILE D 121 -13.93 -16.90 -25.69
C ILE D 121 -15.36 -16.62 -26.13
N GLU D 122 -15.65 -16.73 -27.43
CA GLU D 122 -16.98 -16.43 -27.93
C GLU D 122 -18.02 -17.38 -27.36
N ASP D 123 -17.71 -18.69 -27.33
CA ASP D 123 -18.67 -19.69 -26.88
C ASP D 123 -18.86 -19.69 -25.37
N ALA D 124 -17.85 -19.24 -24.62
CA ALA D 124 -17.95 -19.24 -23.16
C ALA D 124 -18.95 -18.20 -22.68
N GLU D 125 -19.72 -18.57 -21.65
CA GLU D 125 -20.61 -17.62 -21.01
C GLU D 125 -19.84 -16.63 -20.13
N ARG D 126 -18.87 -17.13 -19.36
CA ARG D 126 -18.07 -16.32 -18.47
C ARG D 126 -16.60 -16.59 -18.73
N VAL D 127 -15.81 -15.52 -18.76
CA VAL D 127 -14.39 -15.60 -19.07
C VAL D 127 -13.60 -15.02 -17.90
N TYR D 128 -12.51 -15.69 -17.53
CA TYR D 128 -11.75 -15.33 -16.34
C TYR D 128 -10.27 -15.20 -16.67
N PHE D 129 -9.59 -14.30 -15.95
CA PHE D 129 -8.22 -13.92 -16.24
C PHE D 129 -7.41 -13.99 -14.96
N PHE D 130 -6.41 -14.86 -14.95
CA PHE D 130 -5.57 -15.07 -13.79
C PHE D 130 -4.15 -14.59 -14.11
N GLY D 131 -3.61 -13.76 -13.21
CA GLY D 131 -2.25 -13.29 -13.37
C GLY D 131 -1.75 -12.66 -12.09
N THR D 132 -0.42 -12.60 -11.97
CA THR D 132 0.22 -12.00 -10.81
C THR D 132 1.31 -11.03 -11.27
N GLY D 133 1.47 -9.94 -10.51
CA GLY D 133 2.49 -8.97 -10.87
C GLY D 133 2.19 -8.33 -12.22
N SER D 134 3.19 -8.36 -13.10
CA SER D 134 2.99 -7.84 -14.45
C SER D 134 1.94 -8.66 -15.19
N SER D 135 1.92 -9.98 -14.98
CA SER D 135 0.89 -10.82 -15.58
C SER D 135 -0.50 -10.43 -15.08
N GLY D 136 -0.61 -10.02 -13.82
CA GLY D 136 -1.89 -9.55 -13.32
C GLY D 136 -2.36 -8.29 -14.02
N LEU D 137 -1.42 -7.40 -14.34
CA LEU D 137 -1.78 -6.21 -15.11
C LEU D 137 -2.17 -6.56 -16.53
N VAL D 138 -1.55 -7.58 -17.10
CA VAL D 138 -1.97 -8.10 -18.41
C VAL D 138 -3.40 -8.58 -18.34
N ALA D 139 -3.75 -9.30 -17.27
CA ALA D 139 -5.12 -9.80 -17.12
C ALA D 139 -6.12 -8.66 -17.05
N ARG D 140 -5.78 -7.59 -16.31
CA ARG D 140 -6.68 -6.45 -16.23
C ARG D 140 -6.82 -5.74 -17.57
N GLU D 141 -5.77 -5.75 -18.38
CA GLU D 141 -5.85 -5.18 -19.72
C GLU D 141 -6.85 -5.94 -20.60
N MET D 142 -6.75 -7.28 -20.64
CA MET D 142 -7.67 -8.06 -21.49
C MET D 142 -9.11 -7.97 -20.96
N LYS D 143 -9.29 -7.81 -19.64
CA LYS D 143 -10.64 -7.63 -19.11
C LYS D 143 -11.27 -6.34 -19.62
N LEU D 144 -10.49 -5.24 -19.63
CA LEU D 144 -11.00 -3.98 -20.15
C LEU D 144 -11.27 -4.06 -21.65
N ARG D 145 -10.35 -4.69 -22.40
CA ARG D 145 -10.48 -4.70 -23.85
C ARG D 145 -11.66 -5.54 -24.31
N PHE D 146 -11.86 -6.70 -23.70
CA PHE D 146 -12.89 -7.63 -24.16
C PHE D 146 -14.27 -7.34 -23.57
N MET D 147 -14.33 -6.72 -22.39
CA MET D 147 -15.64 -6.31 -21.86
C MET D 147 -16.27 -5.23 -22.74
N ARG D 148 -15.45 -4.42 -23.39
CA ARG D 148 -15.97 -3.43 -24.35
C ARG D 148 -16.65 -4.10 -25.53
N LEU D 149 -16.31 -5.35 -25.84
CA LEU D 149 -16.92 -6.09 -26.94
C LEU D 149 -18.09 -6.97 -26.50
N GLY D 150 -18.48 -6.92 -25.22
CA GLY D 150 -19.62 -7.65 -24.74
C GLY D 150 -19.33 -8.94 -24.00
N VAL D 151 -18.06 -9.28 -23.79
CA VAL D 151 -17.71 -10.49 -23.06
C VAL D 151 -17.91 -10.26 -21.57
N VAL D 152 -18.63 -11.17 -20.92
CA VAL D 152 -18.78 -11.15 -19.47
C VAL D 152 -17.50 -11.73 -18.87
N CYS D 153 -16.71 -10.89 -18.21
CA CYS D 153 -15.40 -11.33 -17.75
C CYS D 153 -14.99 -10.58 -16.48
N GLU D 154 -14.15 -11.24 -15.68
CA GLU D 154 -13.57 -10.65 -14.49
C GLU D 154 -12.10 -11.03 -14.41
N ALA D 155 -11.31 -10.21 -13.72
CA ALA D 155 -9.88 -10.42 -13.59
C ALA D 155 -9.51 -10.63 -12.13
N LEU D 156 -8.58 -11.56 -11.89
CA LEU D 156 -8.11 -11.91 -10.55
C LEU D 156 -6.60 -11.76 -10.50
N THR D 157 -6.09 -11.38 -9.32
CA THR D 157 -4.67 -11.07 -9.19
C THR D 157 -4.01 -11.58 -7.92
N ASP D 158 -4.72 -12.31 -7.05
CA ASP D 158 -4.11 -12.86 -5.86
C ASP D 158 -4.56 -14.30 -5.67
N GLN D 159 -3.90 -15.01 -4.74
CA GLN D 159 -4.23 -16.40 -4.48
C GLN D 159 -5.66 -16.53 -3.93
N ASP D 160 -6.07 -15.60 -3.08
CA ASP D 160 -7.44 -15.64 -2.55
C ASP D 160 -8.46 -15.48 -3.65
N GLY D 161 -8.20 -14.60 -4.62
CA GLY D 161 -9.13 -14.43 -5.73
C GLY D 161 -9.23 -15.66 -6.60
N PHE D 162 -8.10 -16.34 -6.83
CA PHE D 162 -8.10 -17.54 -7.66
C PHE D 162 -8.93 -18.66 -7.03
N ALA D 163 -8.76 -18.88 -5.72
CA ALA D 163 -9.47 -19.97 -5.06
C ALA D 163 -10.97 -19.74 -5.06
N TRP D 164 -11.41 -18.52 -4.78
CA TRP D 164 -12.84 -18.24 -4.68
C TRP D 164 -13.53 -18.36 -6.03
N THR D 165 -12.91 -17.85 -7.10
CA THR D 165 -13.55 -17.87 -8.41
C THR D 165 -13.64 -19.29 -8.96
N THR D 166 -12.63 -20.12 -8.68
CA THR D 166 -12.66 -21.50 -9.15
C THR D 166 -13.83 -22.27 -8.56
N SER D 167 -14.19 -21.98 -7.30
CA SER D 167 -15.26 -22.71 -6.63
C SER D 167 -16.62 -22.51 -7.28
N ILE D 168 -16.79 -21.48 -8.10
CA ILE D 168 -18.08 -21.18 -8.72
C ILE D 168 -18.08 -21.47 -10.21
N MET D 169 -17.06 -22.16 -10.72
CA MET D 169 -16.95 -22.42 -12.14
C MET D 169 -17.68 -23.70 -12.53
N ASP D 170 -18.03 -23.78 -13.81
CA ASP D 170 -18.73 -24.93 -14.37
C ASP D 170 -18.14 -25.22 -15.75
N GLU D 171 -18.94 -25.87 -16.59
CA GLU D 171 -18.51 -26.24 -17.94
C GLU D 171 -18.62 -25.09 -18.94
N ASN D 172 -19.30 -24.01 -18.59
CA ASN D 172 -19.43 -22.85 -19.47
C ASN D 172 -18.42 -21.76 -19.14
N CYS D 173 -17.42 -22.05 -18.33
CA CYS D 173 -16.42 -21.07 -17.91
C CYS D 173 -15.10 -21.28 -18.65
N LEU D 174 -14.37 -20.18 -18.82
CA LEU D 174 -13.07 -20.19 -19.47
C LEU D 174 -12.10 -19.34 -18.65
N VAL D 175 -10.89 -19.87 -18.45
CA VAL D 175 -9.86 -19.18 -17.69
C VAL D 175 -8.61 -19.05 -18.56
N LEU D 176 -8.05 -17.85 -18.60
CA LEU D 176 -6.78 -17.60 -19.27
C LEU D 176 -5.73 -17.31 -18.21
N GLY D 177 -4.73 -18.18 -18.12
CA GLY D 177 -3.68 -18.06 -17.12
C GLY D 177 -2.40 -17.50 -17.74
N PHE D 178 -1.75 -16.62 -16.99
CA PHE D 178 -0.54 -15.94 -17.44
C PHE D 178 0.60 -16.27 -16.49
N SER D 179 1.67 -16.85 -17.03
CA SER D 179 2.85 -17.18 -16.23
C SER D 179 4.05 -17.07 -17.17
N LEU D 180 4.72 -15.92 -17.13
CA LEU D 180 5.87 -15.70 -18.00
C LEU D 180 6.96 -16.73 -17.71
N SER D 181 7.25 -16.97 -16.43
CA SER D 181 8.22 -17.99 -16.07
C SER D 181 7.69 -19.40 -16.35
N GLY D 182 6.38 -19.57 -16.37
CA GLY D 182 5.78 -20.87 -16.58
C GLY D 182 5.77 -21.78 -15.37
N SER D 183 6.24 -21.31 -14.22
CA SER D 183 6.32 -22.13 -13.01
C SER D 183 5.70 -21.42 -11.80
N THR D 184 4.88 -20.41 -12.04
CA THR D 184 4.25 -19.69 -10.94
C THR D 184 3.28 -20.62 -10.22
N PRO D 185 3.39 -20.79 -8.90
CA PRO D 185 2.55 -21.79 -8.22
C PRO D 185 1.06 -21.46 -8.25
N SER D 186 0.69 -20.20 -7.99
CA SER D 186 -0.72 -19.84 -7.94
C SER D 186 -1.39 -20.02 -9.30
N ILE D 187 -0.69 -19.67 -10.37
CA ILE D 187 -1.28 -19.75 -11.72
C ILE D 187 -1.53 -21.20 -12.12
N LEU D 188 -0.53 -22.06 -11.90
CA LEU D 188 -0.64 -23.43 -12.38
C LEU D 188 -1.70 -24.22 -11.63
N ASP D 189 -1.74 -24.10 -10.30
CA ASP D 189 -2.69 -24.89 -9.52
C ASP D 189 -4.12 -24.45 -9.78
N SER D 190 -4.37 -23.13 -9.77
CA SER D 190 -5.74 -22.64 -9.92
C SER D 190 -6.28 -22.96 -11.31
N LEU D 191 -5.43 -22.92 -12.33
CA LEU D 191 -5.85 -23.37 -13.66
C LEU D 191 -6.23 -24.84 -13.65
N LEU D 192 -5.44 -25.67 -12.96
CA LEU D 192 -5.81 -27.07 -12.79
C LEU D 192 -7.09 -27.22 -11.99
N ASP D 193 -7.24 -26.42 -10.93
CA ASP D 193 -8.48 -26.46 -10.16
C ASP D 193 -9.67 -26.04 -11.00
N ALA D 194 -9.47 -25.11 -11.93
CA ALA D 194 -10.54 -24.72 -12.84
C ALA D 194 -10.94 -25.87 -13.76
N LYS D 195 -9.95 -26.64 -14.24
CA LYS D 195 -10.23 -27.77 -15.13
C LYS D 195 -11.08 -28.82 -14.42
N GLU D 196 -10.78 -29.09 -13.14
CA GLU D 196 -11.55 -30.07 -12.38
C GLU D 196 -12.98 -29.64 -12.15
N MET D 197 -13.28 -28.35 -12.34
CA MET D 197 -14.64 -27.82 -12.27
C MET D 197 -15.31 -27.75 -13.62
N GLY D 198 -14.67 -28.26 -14.67
CA GLY D 198 -15.24 -28.27 -16.00
C GLY D 198 -14.91 -27.06 -16.85
N ALA D 199 -14.25 -26.05 -16.28
CA ALA D 199 -13.90 -24.86 -17.05
C ALA D 199 -12.77 -25.17 -18.03
N LYS D 200 -12.84 -24.58 -19.22
CA LYS D 200 -11.76 -24.69 -20.19
C LYS D 200 -10.62 -23.77 -19.79
N THR D 201 -9.38 -24.24 -19.97
CA THR D 201 -8.21 -23.57 -19.43
C THR D 201 -7.18 -23.32 -20.53
N VAL D 202 -6.64 -22.11 -20.57
CA VAL D 202 -5.57 -21.74 -21.47
C VAL D 202 -4.42 -21.14 -20.66
N LEU D 203 -3.20 -21.56 -20.97
CA LEU D 203 -2.01 -21.11 -20.26
C LEU D 203 -1.07 -20.39 -21.23
N PHE D 204 -0.54 -19.26 -20.78
CA PHE D 204 0.47 -18.51 -21.52
C PHE D 204 1.80 -18.61 -20.80
N SER D 205 2.84 -19.01 -21.53
CA SER D 205 4.15 -19.20 -20.92
C SER D 205 5.23 -19.04 -21.98
N SER D 206 6.45 -18.78 -21.52
CA SER D 206 7.61 -18.70 -22.39
C SER D 206 8.46 -19.96 -22.36
N VAL D 207 8.20 -20.87 -21.43
CA VAL D 207 8.95 -22.11 -21.31
C VAL D 207 8.09 -23.26 -21.83
N PRO D 208 8.65 -24.17 -22.62
CA PRO D 208 7.89 -25.36 -23.02
C PRO D 208 7.98 -26.46 -21.97
N ASN D 209 6.84 -27.08 -21.67
CA ASN D 209 6.70 -28.10 -20.64
C ASN D 209 5.89 -29.25 -21.21
N LYS D 210 6.39 -30.48 -21.05
CA LYS D 210 5.67 -31.65 -21.58
C LYS D 210 4.32 -31.82 -20.88
N ASP D 211 4.30 -31.75 -19.54
CA ASP D 211 3.06 -31.97 -18.80
C ASP D 211 2.14 -30.77 -18.83
N SER D 212 2.53 -29.67 -19.49
CA SER D 212 1.65 -28.53 -19.70
C SER D 212 0.58 -28.78 -20.77
N GLN D 213 0.31 -30.05 -21.09
CA GLN D 213 -0.79 -30.41 -21.97
C GLN D 213 -2.09 -30.59 -21.20
N ALA D 214 -2.07 -30.37 -19.88
CA ALA D 214 -3.28 -30.50 -19.07
C ALA D 214 -4.32 -29.45 -19.45
N TYR D 215 -3.87 -28.27 -19.86
CA TYR D 215 -4.77 -27.17 -20.18
C TYR D 215 -5.25 -27.26 -21.62
N THR D 216 -6.48 -26.82 -21.85
CA THR D 216 -7.11 -26.95 -23.16
C THR D 216 -6.22 -26.39 -24.26
N GLU D 217 -5.59 -25.24 -24.01
CA GLU D 217 -4.60 -24.67 -24.90
C GLU D 217 -3.40 -24.19 -24.10
N THR D 218 -2.24 -24.18 -24.75
CA THR D 218 -1.02 -23.68 -24.12
C THR D 218 -0.28 -22.84 -25.15
N VAL D 219 -0.29 -21.53 -24.95
CA VAL D 219 0.31 -20.60 -25.90
C VAL D 219 1.74 -20.33 -25.47
N LEU D 220 2.69 -20.58 -26.37
CA LEU D 220 4.10 -20.35 -26.11
C LEU D 220 4.45 -18.94 -26.58
N VAL D 221 4.87 -18.09 -25.65
CA VAL D 221 5.17 -16.70 -25.96
C VAL D 221 6.68 -16.53 -26.04
N ALA D 222 7.11 -15.37 -26.53
CA ALA D 222 8.53 -15.10 -26.71
C ALA D 222 9.24 -14.92 -25.36
N THR D 223 10.54 -15.12 -25.38
CA THR D 223 11.39 -14.92 -24.22
C THR D 223 12.17 -13.60 -24.38
N HIS D 224 12.50 -12.99 -23.25
CA HIS D 224 13.13 -11.68 -23.29
C HIS D 224 14.56 -11.76 -23.83
N SER D 225 14.95 -10.73 -24.57
CA SER D 225 16.26 -10.70 -25.21
C SER D 225 17.39 -10.63 -24.18
N GLN D 226 17.23 -9.79 -23.16
CA GLN D 226 18.29 -9.64 -22.16
C GLN D 226 18.41 -10.91 -21.32
N PRO D 227 19.64 -11.34 -21.01
CA PRO D 227 19.82 -12.53 -20.15
C PRO D 227 19.60 -12.22 -18.69
N SER D 228 20.16 -11.11 -18.20
CA SER D 228 19.99 -10.73 -16.80
C SER D 228 18.58 -10.19 -16.58
N TYR D 229 17.94 -10.65 -15.50
CA TYR D 229 16.54 -10.30 -15.26
C TYR D 229 16.36 -8.80 -15.08
N ILE D 230 17.28 -8.16 -14.38
CA ILE D 230 17.12 -6.74 -14.08
C ILE D 230 17.15 -5.88 -15.35
N GLN D 231 17.81 -6.35 -16.40
CA GLN D 231 17.95 -5.56 -17.61
C GLN D 231 16.86 -5.81 -18.64
N ARG D 232 15.98 -6.79 -18.43
CA ARG D 232 14.97 -7.12 -19.42
C ARG D 232 13.88 -6.04 -19.46
N ILE D 233 13.23 -5.94 -20.61
CA ILE D 233 12.19 -4.95 -20.83
C ILE D 233 10.92 -5.39 -20.11
N SER D 234 9.81 -4.68 -20.36
CA SER D 234 8.55 -4.96 -19.67
C SER D 234 8.15 -6.41 -19.84
N ALA D 235 7.78 -7.04 -18.72
CA ALA D 235 7.36 -8.44 -18.74
C ALA D 235 5.98 -8.62 -19.37
N GLN D 236 5.21 -7.54 -19.57
CA GLN D 236 3.89 -7.67 -20.16
C GLN D 236 3.96 -7.98 -21.65
N LEU D 237 5.00 -7.47 -22.33
CA LEU D 237 5.08 -7.54 -23.78
C LEU D 237 4.97 -8.94 -24.38
N PRO D 238 5.63 -9.98 -23.83
CA PRO D 238 5.50 -11.30 -24.46
C PRO D 238 4.06 -11.77 -24.61
N MET D 239 3.18 -11.44 -23.66
CA MET D 239 1.78 -11.82 -23.78
C MET D 239 0.94 -10.79 -24.55
N LEU D 240 1.32 -9.51 -24.49
CA LEU D 240 0.56 -8.48 -25.20
C LEU D 240 0.56 -8.71 -26.71
N PHE D 241 1.65 -9.27 -27.24
CA PHE D 241 1.67 -9.63 -28.66
C PHE D 241 0.53 -10.61 -28.97
N PHE D 242 0.41 -11.67 -28.19
CA PHE D 242 -0.66 -12.64 -28.40
C PHE D 242 -2.01 -12.08 -27.94
N ILE D 243 -2.01 -11.17 -26.96
CA ILE D 243 -3.25 -10.53 -26.54
C ILE D 243 -3.91 -9.83 -27.72
N ASP D 244 -3.14 -9.02 -28.45
CA ASP D 244 -3.68 -8.28 -29.58
C ASP D 244 -4.02 -9.20 -30.75
N LEU D 245 -3.27 -10.29 -30.92
CA LEU D 245 -3.59 -11.26 -31.95
C LEU D 245 -4.94 -11.92 -31.69
N ILE D 246 -5.13 -12.46 -30.48
CA ILE D 246 -6.38 -13.12 -30.16
C ILE D 246 -7.53 -12.11 -30.19
N TYR D 247 -7.27 -10.87 -29.78
CA TYR D 247 -8.29 -9.83 -29.84
C TYR D 247 -8.71 -9.56 -31.29
N ALA D 248 -7.75 -9.48 -32.21
CA ALA D 248 -8.08 -9.27 -33.61
C ALA D 248 -8.89 -10.45 -34.16
N TYR D 249 -8.46 -11.68 -33.86
CA TYR D 249 -9.22 -12.84 -34.31
C TYR D 249 -10.61 -12.86 -33.67
N PHE D 250 -10.69 -12.59 -32.36
CA PHE D 250 -11.99 -12.61 -31.69
C PHE D 250 -12.92 -11.54 -32.24
N LEU D 251 -12.39 -10.38 -32.65
CA LEU D 251 -13.23 -9.29 -33.10
C LEU D 251 -13.96 -9.63 -34.40
N GLU D 252 -13.33 -10.41 -35.27
CA GLU D 252 -13.93 -10.73 -36.56
C GLU D 252 -15.07 -11.75 -36.46
N ILE D 253 -15.23 -12.42 -35.32
CA ILE D 253 -16.36 -13.33 -35.12
C ILE D 253 -17.57 -12.52 -34.69
N ASN D 254 -18.60 -12.48 -35.53
CA ASN D 254 -19.75 -11.60 -35.34
C ASN D 254 -19.29 -10.15 -35.18
N ARG D 255 -18.49 -9.69 -36.14
CA ARG D 255 -17.93 -8.35 -36.08
C ARG D 255 -19.01 -7.28 -36.04
N GLU D 256 -20.07 -7.48 -36.83
CA GLU D 256 -21.15 -6.49 -36.91
C GLU D 256 -21.81 -6.29 -35.55
N SER D 257 -22.13 -7.39 -34.85
CA SER D 257 -22.78 -7.28 -33.56
C SER D 257 -21.81 -6.76 -32.50
N LYS D 258 -20.53 -7.16 -32.57
CA LYS D 258 -19.58 -6.76 -31.54
C LYS D 258 -19.25 -5.27 -31.62
N GLU D 259 -19.20 -4.72 -32.84
CA GLU D 259 -18.94 -3.29 -32.97
C GLU D 259 -20.06 -2.48 -32.35
N LYS D 260 -21.31 -2.92 -32.52
CA LYS D 260 -22.43 -2.22 -31.91
C LYS D 260 -22.32 -2.21 -30.39
N ILE D 261 -21.81 -3.31 -29.81
CA ILE D 261 -21.55 -3.33 -28.37
C ILE D 261 -20.45 -2.34 -28.02
N PHE D 262 -19.39 -2.28 -28.83
CA PHE D 262 -18.29 -1.36 -28.57
C PHE D 262 -18.76 0.09 -28.65
N ASN D 263 -19.49 0.44 -29.70
CA ASN D 263 -19.90 1.83 -29.90
C ASN D 263 -20.86 2.28 -28.81
N SER D 264 -21.75 1.39 -28.36
CA SER D 264 -22.62 1.74 -27.23
C SER D 264 -21.80 1.97 -25.96
N TYR D 265 -20.77 1.16 -25.74
CA TYR D 265 -19.88 1.37 -24.61
C TYR D 265 -19.15 2.70 -24.73
N TRP D 266 -18.64 3.02 -25.93
CA TRP D 266 -17.89 4.26 -26.10
C TRP D 266 -18.80 5.48 -26.03
N GLU D 267 -20.04 5.35 -26.48
CA GLU D 267 -20.97 6.48 -26.43
C GLU D 267 -21.23 6.90 -24.98
N ASN D 268 -21.61 5.93 -24.14
CA ASN D 268 -21.92 6.24 -22.73
C ASN D 268 -20.74 6.87 -22.02
N LYS D 269 -19.51 6.49 -22.37
CA LYS D 269 -18.35 7.03 -21.70
C LYS D 269 -18.01 8.44 -22.19
N LYS D 270 -17.95 8.63 -23.51
CA LYS D 270 -17.57 9.93 -24.05
C LYS D 270 -18.59 11.01 -23.74
N LEU D 271 -19.89 10.69 -23.82
CA LEU D 271 -20.89 11.74 -23.64
C LEU D 271 -21.03 12.14 -22.18
N ASN D 272 -20.68 11.25 -21.25
CA ASN D 272 -20.65 11.59 -19.82
C ASN D 272 -19.37 12.39 -19.56
N GLY D 273 -19.42 13.67 -19.91
CA GLY D 273 -18.28 14.56 -19.71
C GLY D 273 -18.25 15.21 -18.34
C1 GOL I . 1.55 2.79 -50.54
O1 GOL I . 1.61 4.13 -50.97
C2 GOL I . 2.31 1.92 -51.53
O2 GOL I . 3.66 1.84 -51.13
C3 GOL I . 1.66 0.54 -51.61
O3 GOL I . 0.45 0.68 -52.33
C1 GOL J . 25.12 4.82 -42.21
O1 GOL J . 25.24 4.88 -43.62
C2 GOL J . 26.49 4.65 -41.60
O2 GOL J . 27.01 5.92 -41.26
C3 GOL J . 26.43 3.73 -40.39
O3 GOL J . 26.42 2.40 -40.86
MG MG K . 11.15 20.97 -79.74
MG MG L . 28.45 17.79 -67.35
#